data_4FZW
#
_entry.id   4FZW
#
_cell.length_a   131.976
_cell.length_b   131.976
_cell.length_c   153.865
_cell.angle_alpha   90.000
_cell.angle_beta   90.000
_cell.angle_gamma   120.000
#
_symmetry.space_group_name_H-M   'P 3 2 1'
#
loop_
_entity.id
_entity.type
_entity.pdbx_description
1 polymer '2,3-dehydroadipyl-CoA hydratase'
2 polymer '1,2-epoxyphenylacetyl-CoA isomerase'
3 non-polymer GLYCEROL
4 water water
#
loop_
_entity_poly.entity_id
_entity_poly.type
_entity_poly.pdbx_seq_one_letter_code
_entity_poly.pdbx_strand_id
1 'polypeptide(L)'
;MRSMSELIVSRQQRVLLLTLNRPAARNALNNALLMQLVNELEAAATDTSISVCVITGNARFFAAGADLNEMAEKDLAATL
NDTRPQLWARLQAFNKPLIAAVNGYALGAGCELALLCDVVVAGENARFGLPEITLGIMPGAGGTQRLIRSVGKSLASKMV
LSGESITAQQAQQAGLVSDVFPSDLTLEYALQLASKMARHSPLALQAAKQALRQSQEVALQAGLAQERQLFTLLAATEDR
HEGISAFLQKRTPDFKGR
;
A,B
2 'polypeptide(L)'
;MGSSHHHHHHGSMMEFILSHVEKGVMTLTLNRPERLNSFNDEMHAQLAECLKQVERDDTIRCLLLTGAGRGFCAGQDLND
RNVDPTGPAPDLGMSVERFYNPLVRRLAKLPKPVICAVNGVAAGAGATLALGGDIVIAARSAKFVMAFSKLGLIPDCGGT
WLLPRVAGRARAMGLALLGNQLSAEQAHEWGMIWQVVDDETLADTAQQLARHLATQPTFGLGLIKQAINSAETNTLDTQL
DLERDYQRLAGRSADYREGVSAFLAKRSPQFTGK
;
C,D
#
loop_
_chem_comp.id
_chem_comp.type
_chem_comp.name
_chem_comp.formula
GOL non-polymer GLYCEROL 'C3 H8 O3'
#
# COMPACT_ATOMS: atom_id res chain seq x y z
N SER A 5 -26.00 -13.37 -8.62
CA SER A 5 -25.22 -14.51 -8.12
C SER A 5 -23.83 -14.07 -7.66
N GLU A 6 -23.35 -14.72 -6.59
CA GLU A 6 -21.94 -14.61 -6.16
C GLU A 6 -21.78 -13.55 -5.11
N LEU A 7 -22.30 -12.36 -5.39
CA LEU A 7 -22.28 -11.31 -4.41
C LEU A 7 -23.53 -10.48 -4.61
N ILE A 8 -24.35 -10.37 -3.57
CA ILE A 8 -25.54 -9.58 -3.70
C ILE A 8 -25.23 -8.21 -3.11
N VAL A 9 -25.71 -7.18 -3.79
CA VAL A 9 -25.47 -5.82 -3.35
C VAL A 9 -26.80 -5.18 -3.01
N SER A 10 -26.86 -4.53 -1.87
CA SER A 10 -28.10 -3.94 -1.40
C SER A 10 -27.76 -2.70 -0.62
N ARG A 11 -28.78 -1.90 -0.36
CA ARG A 11 -28.56 -0.55 0.13
C ARG A 11 -29.58 -0.17 1.18
N GLN A 12 -29.11 0.55 2.19
CA GLN A 12 -29.98 1.12 3.21
C GLN A 12 -29.41 2.48 3.57
N GLN A 13 -29.99 3.53 3.00
CA GLN A 13 -29.43 4.89 3.11
C GLN A 13 -27.96 4.96 2.72
N ARG A 14 -27.12 5.57 3.55
CA ARG A 14 -25.71 5.68 3.23
C ARG A 14 -24.95 4.44 3.69
N VAL A 15 -25.70 3.36 3.91
CA VAL A 15 -25.13 2.08 4.27
C VAL A 15 -25.19 1.11 3.08
N LEU A 16 -24.05 0.52 2.75
CA LEU A 16 -23.99 -0.41 1.63
C LEU A 16 -23.79 -1.83 2.12
N LEU A 17 -24.65 -2.74 1.67
CA LEU A 17 -24.59 -4.11 2.13
C LEU A 17 -24.05 -5.05 1.07
N LEU A 18 -23.05 -5.82 1.47
CA LEU A 18 -22.39 -6.76 0.59
C LEU A 18 -22.54 -8.18 1.10
N THR A 19 -23.31 -8.99 0.39
CA THR A 19 -23.61 -10.34 0.83
C THR A 19 -22.89 -11.39 0.02
N LEU A 20 -21.90 -12.04 0.63
CA LEU A 20 -21.28 -13.18 -0.02
C LEU A 20 -22.35 -14.22 -0.29
N ASN A 21 -22.45 -14.62 -1.55
CA ASN A 21 -23.51 -15.51 -1.98
C ASN A 21 -23.05 -16.69 -2.83
N ARG A 22 -22.32 -17.62 -2.23
CA ARG A 22 -22.00 -18.87 -2.89
C ARG A 22 -22.36 -20.06 -1.98
N PRO A 23 -23.66 -20.31 -1.76
CA PRO A 23 -24.10 -21.30 -0.77
C PRO A 23 -23.44 -22.66 -0.95
N ALA A 24 -23.56 -23.25 -2.14
CA ALA A 24 -23.04 -24.58 -2.39
C ALA A 24 -21.53 -24.70 -2.11
N ALA A 25 -20.81 -23.58 -2.18
CA ALA A 25 -19.38 -23.60 -1.88
C ALA A 25 -19.05 -23.04 -0.49
N ARG A 26 -20.04 -22.97 0.40
CA ARG A 26 -19.85 -22.43 1.74
C ARG A 26 -19.29 -21.00 1.70
N ASN A 27 -19.82 -20.20 0.77
CA ASN A 27 -19.33 -18.85 0.52
C ASN A 27 -17.81 -18.71 0.31
N ALA A 28 -17.13 -19.79 -0.06
CA ALA A 28 -15.68 -19.74 -0.25
C ALA A 28 -15.28 -18.54 -1.12
N LEU A 29 -14.21 -17.86 -0.72
CA LEU A 29 -13.76 -16.66 -1.43
C LEU A 29 -13.16 -17.00 -2.78
N ASN A 30 -13.99 -16.91 -3.80
CA ASN A 30 -13.58 -17.08 -5.18
C ASN A 30 -12.63 -15.96 -5.60
N ASN A 31 -11.81 -16.22 -6.61
CA ASN A 31 -11.06 -15.15 -7.24
C ASN A 31 -12.05 -14.15 -7.80
N ALA A 32 -13.10 -14.66 -8.43
CA ALA A 32 -14.17 -13.84 -8.97
C ALA A 32 -14.89 -13.07 -7.86
N LEU A 33 -15.19 -13.77 -6.75
CA LEU A 33 -15.81 -13.14 -5.60
C LEU A 33 -14.96 -12.02 -5.02
N LEU A 34 -13.69 -12.33 -4.78
CA LEU A 34 -12.75 -11.35 -4.25
C LEU A 34 -12.73 -10.09 -5.12
N MET A 35 -12.63 -10.28 -6.43
CA MET A 35 -12.59 -9.18 -7.38
C MET A 35 -13.89 -8.37 -7.36
N GLN A 36 -15.03 -9.04 -7.20
CA GLN A 36 -16.32 -8.34 -7.11
C GLN A 36 -16.44 -7.53 -5.81
N LEU A 37 -15.82 -8.04 -4.75
CA LEU A 37 -15.78 -7.36 -3.48
C LEU A 37 -14.93 -6.10 -3.62
N VAL A 38 -13.80 -6.25 -4.31
CA VAL A 38 -12.91 -5.14 -4.62
C VAL A 38 -13.58 -4.08 -5.50
N ASN A 39 -14.18 -4.50 -6.60
CA ASN A 39 -14.92 -3.53 -7.42
C ASN A 39 -16.03 -2.74 -6.67
N GLU A 40 -16.71 -3.41 -5.76
CA GLU A 40 -17.84 -2.79 -5.07
C GLU A 40 -17.35 -1.75 -4.06
N LEU A 41 -16.34 -2.14 -3.28
CA LEU A 41 -15.77 -1.25 -2.30
C LEU A 41 -15.07 -0.02 -2.95
N GLU A 42 -14.33 -0.25 -4.03
CA GLU A 42 -13.68 0.85 -4.72
C GLU A 42 -14.69 1.82 -5.32
N ALA A 43 -15.87 1.31 -5.70
CA ALA A 43 -16.95 2.14 -6.21
C ALA A 43 -17.60 2.96 -5.08
N ALA A 44 -17.74 2.33 -3.91
CA ALA A 44 -18.34 2.98 -2.76
C ALA A 44 -17.41 4.03 -2.15
N ALA A 45 -16.10 3.77 -2.19
CA ALA A 45 -15.12 4.73 -1.71
C ALA A 45 -15.40 6.15 -2.23
N THR A 46 -15.83 6.26 -3.48
CA THR A 46 -16.00 7.57 -4.13
C THR A 46 -17.44 8.00 -4.26
N ASP A 47 -18.36 7.14 -3.82
CA ASP A 47 -19.79 7.46 -3.84
C ASP A 47 -20.08 8.23 -2.56
N THR A 48 -20.34 9.53 -2.69
CA THR A 48 -20.56 10.41 -1.55
C THR A 48 -21.90 10.15 -0.87
N SER A 49 -22.70 9.27 -1.46
CA SER A 49 -23.98 8.92 -0.85
C SER A 49 -23.84 7.73 0.11
N ILE A 50 -22.62 7.17 0.18
CA ILE A 50 -22.30 6.06 1.08
C ILE A 50 -21.38 6.49 2.23
N SER A 51 -21.66 6.01 3.44
CA SER A 51 -20.84 6.34 4.61
C SER A 51 -20.22 5.09 5.25
N VAL A 52 -20.91 3.97 5.12
CA VAL A 52 -20.50 2.76 5.81
C VAL A 52 -20.82 1.54 4.94
N CYS A 53 -20.00 0.48 5.04
CA CYS A 53 -20.32 -0.78 4.40
C CYS A 53 -20.42 -1.89 5.44
N VAL A 54 -21.29 -2.85 5.19
CA VAL A 54 -21.41 -4.05 6.01
C VAL A 54 -21.17 -5.24 5.10
N ILE A 55 -20.34 -6.16 5.55
CA ILE A 55 -20.16 -7.43 4.85
C ILE A 55 -20.72 -8.61 5.67
N THR A 56 -21.45 -9.49 5.01
CA THR A 56 -22.00 -10.64 5.68
C THR A 56 -22.03 -11.83 4.73
N GLY A 57 -22.34 -13.00 5.28
CA GLY A 57 -22.55 -14.21 4.50
C GLY A 57 -23.97 -14.66 4.72
N ASN A 58 -24.15 -15.92 5.08
CA ASN A 58 -25.46 -16.43 5.48
C ASN A 58 -25.42 -16.92 6.93
N ALA A 59 -26.48 -17.59 7.36
CA ALA A 59 -26.55 -18.09 8.75
C ALA A 59 -25.52 -19.20 9.00
N ARG A 60 -25.34 -20.09 8.03
CA ARG A 60 -24.42 -21.21 8.20
C ARG A 60 -22.95 -20.86 7.91
N PHE A 61 -22.72 -19.98 6.94
CA PHE A 61 -21.35 -19.55 6.59
C PHE A 61 -21.24 -18.05 6.31
N PHE A 62 -20.17 -17.49 6.86
CA PHE A 62 -19.72 -16.16 6.47
C PHE A 62 -18.90 -16.37 5.21
N ALA A 63 -17.80 -17.10 5.35
CA ALA A 63 -16.98 -17.58 4.25
C ALA A 63 -16.12 -18.69 4.81
N ALA A 64 -16.20 -19.86 4.18
CA ALA A 64 -15.47 -21.03 4.66
C ALA A 64 -14.20 -21.21 3.87
N GLY A 65 -13.34 -20.21 3.91
CA GLY A 65 -12.05 -20.26 3.27
C GLY A 65 -12.11 -19.74 1.85
N ALA A 66 -11.24 -20.28 1.01
CA ALA A 66 -11.13 -19.86 -0.37
C ALA A 66 -11.11 -21.10 -1.26
N ASP A 67 -11.34 -20.93 -2.56
CA ASP A 67 -11.33 -22.07 -3.46
C ASP A 67 -10.00 -22.80 -3.38
N LEU A 68 -10.05 -24.07 -3.05
CA LEU A 68 -8.85 -24.86 -2.81
C LEU A 68 -8.12 -25.26 -4.09
N ASN A 69 -8.87 -25.28 -5.20
CA ASN A 69 -8.33 -25.62 -6.50
C ASN A 69 -7.52 -24.46 -7.07
N GLU A 70 -8.08 -23.26 -6.94
CA GLU A 70 -7.47 -22.07 -7.47
C GLU A 70 -6.13 -21.87 -6.81
N MET A 71 -5.96 -22.46 -5.62
CA MET A 71 -4.73 -22.28 -4.89
C MET A 71 -3.72 -23.39 -5.17
N ALA A 72 -4.22 -24.55 -5.60
CA ALA A 72 -3.34 -25.67 -5.92
C ALA A 72 -2.61 -25.47 -7.25
N GLU A 73 -3.35 -25.10 -8.29
CA GLU A 73 -2.77 -24.93 -9.63
C GLU A 73 -1.79 -23.77 -9.70
N LYS A 74 -1.40 -23.29 -8.53
CA LYS A 74 -0.36 -22.29 -8.43
C LYS A 74 0.89 -22.94 -7.86
N ASP A 75 1.98 -22.91 -8.63
CA ASP A 75 3.26 -23.45 -8.21
C ASP A 75 4.16 -22.32 -7.73
N LEU A 76 5.36 -22.66 -7.29
CA LEU A 76 6.30 -21.64 -6.81
C LEU A 76 6.28 -20.41 -7.71
N ALA A 77 6.37 -20.63 -9.02
CA ALA A 77 6.44 -19.54 -10.00
C ALA A 77 5.09 -18.83 -10.12
N ALA A 78 4.01 -19.59 -10.13
CA ALA A 78 2.66 -19.03 -10.23
C ALA A 78 2.21 -18.34 -8.94
N THR A 79 2.82 -18.73 -7.81
CA THR A 79 2.45 -18.14 -6.54
C THR A 79 3.11 -16.76 -6.38
N LEU A 80 4.34 -16.64 -6.86
CA LEU A 80 5.06 -15.37 -6.84
C LEU A 80 4.32 -14.26 -7.58
N ASN A 81 3.71 -14.61 -8.71
CA ASN A 81 3.06 -13.62 -9.58
C ASN A 81 1.54 -13.55 -9.44
N ASP A 82 1.01 -14.12 -8.37
CA ASP A 82 -0.43 -14.13 -8.13
C ASP A 82 -1.04 -12.74 -8.00
N THR A 83 -2.26 -12.60 -8.52
CA THR A 83 -3.02 -11.35 -8.52
C THR A 83 -3.67 -11.04 -7.17
N ARG A 84 -4.16 -12.08 -6.50
CA ARG A 84 -4.88 -11.99 -5.23
C ARG A 84 -4.30 -11.04 -4.14
N PRO A 85 -2.96 -11.10 -3.91
CA PRO A 85 -2.45 -10.26 -2.83
C PRO A 85 -2.75 -8.78 -2.98
N GLN A 86 -2.78 -8.27 -4.22
CA GLN A 86 -3.09 -6.87 -4.45
C GLN A 86 -4.58 -6.61 -4.24
N LEU A 87 -5.41 -7.62 -4.53
CA LEU A 87 -6.85 -7.53 -4.27
C LEU A 87 -7.05 -7.28 -2.79
N TRP A 88 -6.40 -8.08 -1.96
CA TRP A 88 -6.49 -7.88 -0.52
C TRP A 88 -6.00 -6.50 -0.13
N ALA A 89 -4.97 -5.98 -0.82
CA ALA A 89 -4.42 -4.68 -0.46
C ALA A 89 -5.42 -3.59 -0.86
N ARG A 90 -6.12 -3.80 -1.95
CA ARG A 90 -7.17 -2.86 -2.35
C ARG A 90 -8.41 -2.89 -1.40
N LEU A 91 -8.73 -4.07 -0.86
CA LEU A 91 -9.82 -4.20 0.10
C LEU A 91 -9.45 -3.42 1.35
N GLN A 92 -8.21 -3.57 1.79
CA GLN A 92 -7.75 -2.88 2.98
C GLN A 92 -7.76 -1.37 2.78
N ALA A 93 -7.63 -0.94 1.53
CA ALA A 93 -7.48 0.48 1.23
C ALA A 93 -8.80 1.22 1.26
N PHE A 94 -9.90 0.46 1.31
CA PHE A 94 -11.23 1.05 1.45
C PHE A 94 -11.22 2.04 2.62
N ASN A 95 -11.75 3.23 2.41
CA ASN A 95 -11.50 4.35 3.30
C ASN A 95 -12.69 4.68 4.20
N LYS A 96 -13.71 3.84 4.14
CA LYS A 96 -14.90 4.07 4.96
C LYS A 96 -15.13 2.92 5.94
N PRO A 97 -15.78 3.21 7.08
CA PRO A 97 -16.13 2.21 8.10
C PRO A 97 -16.63 0.90 7.49
N LEU A 98 -15.93 -0.18 7.79
CA LEU A 98 -16.22 -1.50 7.23
C LEU A 98 -16.55 -2.50 8.38
N ILE A 99 -17.81 -2.91 8.44
CA ILE A 99 -18.28 -3.81 9.49
C ILE A 99 -18.53 -5.22 8.93
N ALA A 100 -17.90 -6.21 9.55
CA ALA A 100 -18.18 -7.58 9.21
C ALA A 100 -19.30 -8.13 10.12
N ALA A 101 -20.41 -8.57 9.52
CA ALA A 101 -21.53 -9.19 10.28
C ALA A 101 -21.47 -10.71 10.09
N VAL A 102 -20.81 -11.40 11.02
CA VAL A 102 -20.46 -12.81 10.86
C VAL A 102 -21.45 -13.79 11.49
N ASN A 103 -22.06 -14.63 10.66
CA ASN A 103 -22.81 -15.76 11.17
C ASN A 103 -22.10 -17.05 10.76
N GLY A 104 -22.34 -18.13 11.49
CA GLY A 104 -21.69 -19.39 11.17
C GLY A 104 -20.18 -19.30 11.04
N TYR A 105 -19.62 -20.15 10.21
CA TYR A 105 -18.16 -20.23 9.99
C TYR A 105 -17.46 -19.05 9.30
N ALA A 106 -16.45 -18.50 9.96
CA ALA A 106 -15.45 -17.63 9.31
C ALA A 106 -14.08 -18.29 9.44
N LEU A 107 -13.70 -19.07 8.43
CA LEU A 107 -12.46 -19.83 8.46
C LEU A 107 -11.46 -19.40 7.37
N GLY A 108 -10.17 -19.62 7.63
CA GLY A 108 -9.13 -19.27 6.67
C GLY A 108 -9.23 -17.88 6.07
N ALA A 109 -9.62 -17.82 4.82
CA ALA A 109 -9.80 -16.56 4.10
C ALA A 109 -10.99 -15.80 4.64
N GLY A 110 -12.03 -16.54 5.02
CA GLY A 110 -13.23 -15.95 5.59
C GLY A 110 -12.91 -15.20 6.86
N CYS A 111 -12.17 -15.85 7.74
CA CYS A 111 -11.69 -15.23 8.98
C CYS A 111 -10.73 -14.04 8.72
N GLU A 112 -9.82 -14.22 7.76
CA GLU A 112 -8.89 -13.16 7.41
C GLU A 112 -9.66 -11.98 6.85
N LEU A 113 -10.78 -12.26 6.19
CA LEU A 113 -11.62 -11.17 5.68
C LEU A 113 -12.37 -10.44 6.80
N ALA A 114 -12.63 -11.11 7.92
CA ALA A 114 -13.32 -10.44 9.03
C ALA A 114 -12.33 -9.63 9.83
N LEU A 115 -11.11 -10.16 10.01
CA LEU A 115 -10.00 -9.42 10.61
C LEU A 115 -9.63 -8.16 9.81
N LEU A 116 -9.81 -8.22 8.49
CA LEU A 116 -9.54 -7.06 7.65
C LEU A 116 -10.46 -5.92 8.06
N CYS A 117 -11.71 -6.23 8.40
CA CYS A 117 -12.68 -5.19 8.72
C CYS A 117 -12.37 -4.41 9.99
N ASP A 118 -12.96 -3.22 10.08
CA ASP A 118 -12.75 -2.36 11.23
C ASP A 118 -13.42 -2.97 12.45
N VAL A 119 -14.65 -3.45 12.26
CA VAL A 119 -15.48 -3.92 13.38
C VAL A 119 -16.16 -5.25 13.06
N VAL A 120 -16.06 -6.21 13.98
CA VAL A 120 -16.80 -7.45 13.80
C VAL A 120 -17.95 -7.62 14.80
N VAL A 121 -19.19 -7.73 14.29
CA VAL A 121 -20.32 -8.23 15.07
C VAL A 121 -20.57 -9.67 14.66
N ALA A 122 -20.57 -10.56 15.64
CA ALA A 122 -20.75 -11.98 15.38
C ALA A 122 -22.11 -12.52 15.91
N GLY A 123 -22.54 -13.66 15.36
CA GLY A 123 -23.69 -14.34 15.89
C GLY A 123 -23.28 -15.36 16.93
N GLU A 124 -24.24 -15.73 17.79
CA GLU A 124 -23.98 -16.67 18.87
C GLU A 124 -23.35 -17.97 18.40
N ASN A 125 -23.58 -18.37 17.15
CA ASN A 125 -22.98 -19.62 16.67
C ASN A 125 -21.80 -19.41 15.74
N ALA A 126 -21.25 -18.20 15.71
CA ALA A 126 -20.11 -17.98 14.83
C ALA A 126 -18.90 -18.79 15.30
N ARG A 127 -18.08 -19.18 14.35
CA ARG A 127 -16.82 -19.82 14.65
C ARG A 127 -15.76 -19.09 13.86
N PHE A 128 -14.61 -18.84 14.50
CA PHE A 128 -13.46 -18.24 13.82
C PHE A 128 -12.29 -19.19 13.85
N GLY A 129 -11.52 -19.21 12.77
CA GLY A 129 -10.46 -20.18 12.66
C GLY A 129 -9.53 -19.92 11.49
N LEU A 130 -8.28 -20.36 11.67
CA LEU A 130 -7.33 -20.40 10.61
C LEU A 130 -6.81 -21.84 10.45
N PRO A 131 -7.49 -22.64 9.61
CA PRO A 131 -7.01 -24.02 9.43
C PRO A 131 -5.97 -24.15 8.30
N GLU A 132 -5.36 -23.03 7.89
CA GLU A 132 -4.33 -23.13 6.83
C GLU A 132 -3.27 -24.16 7.20
N ILE A 133 -2.78 -24.07 8.42
CA ILE A 133 -1.73 -24.96 8.89
C ILE A 133 -2.03 -26.46 8.71
N THR A 134 -3.29 -26.89 8.75
CA THR A 134 -3.60 -28.31 8.57
C THR A 134 -3.41 -28.76 7.13
N LEU A 135 -3.39 -27.82 6.20
CA LEU A 135 -3.32 -28.15 4.79
C LEU A 135 -1.86 -28.14 4.31
N GLY A 136 -0.93 -27.85 5.22
CA GLY A 136 0.46 -27.73 4.85
C GLY A 136 0.76 -26.33 4.34
N ILE A 137 -0.19 -25.42 4.56
CA ILE A 137 0.09 -24.03 4.28
C ILE A 137 0.06 -23.17 5.55
N MET A 138 -0.42 -21.94 5.41
CA MET A 138 -0.48 -21.03 6.54
C MET A 138 -1.31 -19.85 6.07
N PRO A 139 -1.62 -18.91 6.96
CA PRO A 139 -2.40 -17.77 6.49
C PRO A 139 -1.60 -16.88 5.53
N GLY A 140 -2.18 -16.54 4.38
CA GLY A 140 -1.54 -15.67 3.40
C GLY A 140 -2.31 -14.39 3.09
N ALA A 141 -3.15 -13.96 4.02
CA ALA A 141 -3.96 -12.76 3.82
C ALA A 141 -4.14 -11.98 5.11
N GLY A 142 -3.11 -11.98 5.95
CA GLY A 142 -3.14 -11.14 7.13
C GLY A 142 -3.43 -11.90 8.41
N GLY A 143 -3.76 -13.18 8.28
CA GLY A 143 -4.03 -14.00 9.43
C GLY A 143 -2.94 -13.96 10.50
N THR A 144 -1.70 -14.13 10.09
CA THR A 144 -0.56 -14.10 11.02
C THR A 144 -0.17 -12.72 11.56
N GLN A 145 -0.82 -11.66 11.09
CA GLN A 145 -0.50 -10.31 11.57
C GLN A 145 -1.66 -9.67 12.35
N ARG A 146 -2.84 -9.72 11.76
CA ARG A 146 -3.99 -9.05 12.36
C ARG A 146 -4.57 -9.73 13.61
N LEU A 147 -4.61 -11.06 13.62
CA LEU A 147 -5.15 -11.77 14.77
C LEU A 147 -4.35 -11.44 16.02
N ILE A 148 -3.04 -11.70 15.96
CA ILE A 148 -2.15 -11.52 17.09
C ILE A 148 -2.20 -10.10 17.64
N ARG A 149 -2.50 -9.13 16.79
CA ARG A 149 -2.61 -7.75 17.27
C ARG A 149 -3.85 -7.46 18.14
N SER A 150 -4.94 -8.20 17.89
CA SER A 150 -6.13 -7.99 18.67
C SER A 150 -6.41 -9.01 19.79
N VAL A 151 -5.80 -10.19 19.75
CA VAL A 151 -5.99 -11.20 20.82
C VAL A 151 -4.72 -11.62 21.56
N GLY A 152 -3.57 -11.18 21.07
CA GLY A 152 -2.33 -11.48 21.77
C GLY A 152 -1.68 -12.77 21.33
N LYS A 153 -0.43 -12.97 21.76
CA LYS A 153 0.42 -13.99 21.17
C LYS A 153 -0.04 -15.45 21.41
N SER A 154 -0.40 -15.78 22.65
CA SER A 154 -0.74 -17.16 23.01
C SER A 154 -1.92 -17.71 22.22
N LEU A 155 -3.04 -17.01 22.26
CA LEU A 155 -4.21 -17.43 21.50
C LEU A 155 -3.99 -17.43 19.97
N ALA A 156 -3.44 -16.35 19.42
CA ALA A 156 -3.22 -16.26 17.99
C ALA A 156 -2.26 -17.35 17.53
N SER A 157 -1.28 -17.67 18.36
CA SER A 157 -0.31 -18.70 17.99
C SER A 157 -0.95 -20.09 17.99
N LYS A 158 -1.68 -20.39 19.05
CA LYS A 158 -2.47 -21.61 19.13
C LYS A 158 -3.36 -21.75 17.91
N MET A 159 -4.15 -20.72 17.64
CA MET A 159 -5.01 -20.75 16.46
C MET A 159 -4.25 -20.96 15.13
N VAL A 160 -3.15 -20.22 14.96
CA VAL A 160 -2.38 -20.29 13.73
C VAL A 160 -1.57 -21.58 13.63
N LEU A 161 -0.96 -22.01 14.73
CA LEU A 161 -0.12 -23.22 14.72
C LEU A 161 -0.87 -24.58 14.82
N SER A 162 -2.04 -24.59 15.46
CA SER A 162 -2.83 -25.82 15.54
C SER A 162 -4.02 -25.79 14.57
N GLY A 163 -4.55 -24.60 14.28
CA GLY A 163 -5.67 -24.45 13.36
C GLY A 163 -7.04 -24.77 13.97
N GLU A 164 -7.13 -24.80 15.30
CA GLU A 164 -8.41 -25.04 15.94
C GLU A 164 -9.21 -23.74 16.03
N SER A 165 -10.53 -23.88 15.87
CA SER A 165 -11.48 -22.76 15.91
C SER A 165 -11.81 -22.29 17.31
N ILE A 166 -12.42 -21.13 17.37
CA ILE A 166 -12.98 -20.66 18.62
C ILE A 166 -14.42 -20.19 18.41
N THR A 167 -15.17 -20.14 19.50
CA THR A 167 -16.56 -19.75 19.48
C THR A 167 -16.67 -18.22 19.44
N ALA A 168 -17.83 -17.73 19.06
CA ALA A 168 -18.09 -16.29 19.09
C ALA A 168 -17.85 -15.68 20.47
N GLN A 169 -18.07 -16.48 21.50
CA GLN A 169 -17.94 -16.02 22.89
C GLN A 169 -16.47 -15.92 23.31
N GLN A 170 -15.68 -16.92 22.91
CA GLN A 170 -14.26 -16.84 23.14
C GLN A 170 -13.70 -15.64 22.36
N ALA A 171 -14.12 -15.52 21.11
CA ALA A 171 -13.72 -14.41 20.26
C ALA A 171 -13.92 -13.02 20.85
N GLN A 172 -15.07 -12.79 21.48
CA GLN A 172 -15.36 -11.48 22.07
C GLN A 172 -14.52 -11.20 23.32
N GLN A 173 -14.23 -12.26 24.06
CA GLN A 173 -13.53 -12.14 25.35
C GLN A 173 -12.07 -11.92 25.06
N ALA A 174 -11.69 -12.30 23.85
CA ALA A 174 -10.31 -12.19 23.37
C ALA A 174 -10.06 -10.89 22.63
N GLY A 175 -11.11 -10.30 22.08
CA GLY A 175 -11.04 -8.99 21.46
C GLY A 175 -11.15 -9.02 19.93
N LEU A 176 -11.31 -10.22 19.38
CA LEU A 176 -11.43 -10.46 17.95
C LEU A 176 -12.76 -9.92 17.43
N VAL A 177 -13.71 -9.83 18.33
CA VAL A 177 -15.04 -9.40 17.98
C VAL A 177 -15.51 -8.47 19.06
N SER A 178 -16.40 -7.55 18.71
CA SER A 178 -16.91 -6.62 19.72
C SER A 178 -18.42 -6.75 20.03
N ASP A 179 -19.08 -7.75 19.46
CA ASP A 179 -20.49 -8.00 19.74
C ASP A 179 -20.84 -9.45 19.48
N VAL A 180 -21.79 -9.95 20.27
CA VAL A 180 -22.34 -11.29 20.06
C VAL A 180 -23.87 -11.29 20.22
N PHE A 181 -24.57 -11.50 19.13
CA PHE A 181 -26.03 -11.45 19.07
C PHE A 181 -26.61 -12.80 18.68
N PRO A 182 -27.87 -13.06 19.06
CA PRO A 182 -28.57 -14.25 18.55
C PRO A 182 -28.47 -14.27 17.01
N SER A 183 -28.16 -15.43 16.45
CA SER A 183 -27.96 -15.62 15.02
C SER A 183 -28.97 -14.89 14.11
N ASP A 184 -30.22 -14.83 14.51
CA ASP A 184 -31.25 -14.30 13.64
C ASP A 184 -31.26 -12.80 13.72
N LEU A 185 -30.43 -12.23 14.59
CA LEU A 185 -30.38 -10.77 14.76
C LEU A 185 -29.06 -10.09 14.35
N THR A 186 -28.01 -10.89 14.17
CA THR A 186 -26.67 -10.40 13.87
C THR A 186 -26.68 -9.36 12.73
N LEU A 187 -27.20 -9.78 11.58
CA LEU A 187 -27.24 -8.95 10.40
C LEU A 187 -28.03 -7.65 10.62
N GLU A 188 -29.21 -7.77 11.20
CA GLU A 188 -30.03 -6.61 11.53
C GLU A 188 -29.37 -5.66 12.54
N TYR A 189 -28.67 -6.23 13.52
CA TYR A 189 -28.01 -5.42 14.53
C TYR A 189 -26.74 -4.79 13.95
N ALA A 190 -26.07 -5.54 13.09
CA ALA A 190 -24.91 -5.02 12.35
C ALA A 190 -25.25 -3.77 11.52
N LEU A 191 -26.43 -3.80 10.90
CA LEU A 191 -26.93 -2.72 10.06
C LEU A 191 -27.31 -1.50 10.87
N GLN A 192 -27.88 -1.73 12.05
CA GLN A 192 -28.18 -0.64 12.96
C GLN A 192 -26.87 -0.01 13.44
N LEU A 193 -25.91 -0.83 13.84
CA LEU A 193 -24.58 -0.30 14.16
C LEU A 193 -24.14 0.62 13.03
N ALA A 194 -24.24 0.14 11.79
CA ALA A 194 -23.79 0.88 10.62
C ALA A 194 -24.53 2.20 10.44
N SER A 195 -25.82 2.19 10.74
CA SER A 195 -26.66 3.37 10.54
C SER A 195 -26.35 4.44 11.59
N LYS A 196 -25.94 4.02 12.77
CA LYS A 196 -25.48 4.97 13.78
C LYS A 196 -24.19 5.69 13.29
N MET A 197 -23.23 4.93 12.76
CA MET A 197 -22.01 5.50 12.25
C MET A 197 -22.33 6.46 11.10
N ALA A 198 -23.17 6.00 10.18
CA ALA A 198 -23.51 6.71 8.95
C ALA A 198 -24.31 7.97 9.22
N ARG A 199 -24.59 8.21 10.48
CA ARG A 199 -25.32 9.40 10.87
C ARG A 199 -24.33 10.51 11.20
N HIS A 200 -23.06 10.14 11.32
CA HIS A 200 -22.02 11.10 11.64
C HIS A 200 -21.42 11.68 10.35
N SER A 201 -20.67 12.78 10.51
CA SER A 201 -19.97 13.46 9.41
C SER A 201 -19.08 12.50 8.64
N PRO A 202 -19.30 12.36 7.31
CA PRO A 202 -18.52 11.40 6.50
C PRO A 202 -17.00 11.63 6.60
N LEU A 203 -16.56 12.87 6.48
CA LEU A 203 -15.13 13.16 6.53
C LEU A 203 -14.55 12.80 7.89
N ALA A 204 -15.35 12.99 8.96
CA ALA A 204 -14.88 12.66 10.29
C ALA A 204 -14.63 11.14 10.37
N LEU A 205 -15.60 10.36 9.91
CA LEU A 205 -15.44 8.93 9.79
C LEU A 205 -14.15 8.57 9.07
N GLN A 206 -13.92 9.19 7.92
CA GLN A 206 -12.73 8.87 7.12
C GLN A 206 -11.42 9.22 7.83
N ALA A 207 -11.37 10.40 8.46
CA ALA A 207 -10.18 10.82 9.21
C ALA A 207 -10.00 9.99 10.48
N ALA A 208 -11.10 9.73 11.19
CA ALA A 208 -11.04 8.84 12.34
C ALA A 208 -10.54 7.45 11.93
N LYS A 209 -11.09 6.89 10.85
CA LYS A 209 -10.64 5.58 10.41
C LYS A 209 -9.18 5.57 9.96
N GLN A 210 -8.75 6.65 9.32
CA GLN A 210 -7.36 6.75 8.87
C GLN A 210 -6.43 6.80 10.09
N ALA A 211 -6.80 7.62 11.08
CA ALA A 211 -6.13 7.63 12.38
C ALA A 211 -5.94 6.22 12.90
N LEU A 212 -7.02 5.42 12.82
CA LEU A 212 -7.02 4.07 13.35
C LEU A 212 -6.11 3.12 12.58
N ARG A 213 -6.18 3.18 11.25
CA ARG A 213 -5.30 2.38 10.38
C ARG A 213 -3.85 2.63 10.73
N GLN A 214 -3.52 3.90 10.88
CA GLN A 214 -2.14 4.32 11.06
C GLN A 214 -1.55 3.90 12.42
N SER A 215 -2.40 3.71 13.43
CA SER A 215 -1.95 3.19 14.69
C SER A 215 -1.24 1.83 14.51
N GLN A 216 -1.64 1.06 13.50
CA GLN A 216 -1.01 -0.25 13.26
C GLN A 216 0.28 -0.08 12.46
N GLU A 217 0.52 1.14 12.00
CA GLU A 217 1.61 1.36 11.10
C GLU A 217 2.79 2.08 11.76
N VAL A 218 2.58 2.70 12.92
CA VAL A 218 3.62 3.54 13.52
C VAL A 218 3.74 3.39 15.03
N ALA A 219 4.82 3.91 15.59
CA ALA A 219 4.96 3.99 17.03
C ALA A 219 4.07 5.09 17.58
N LEU A 220 3.78 4.98 18.88
CA LEU A 220 2.76 5.77 19.52
C LEU A 220 2.92 7.28 19.31
N GLN A 221 4.15 7.75 19.50
CA GLN A 221 4.44 9.17 19.41
C GLN A 221 4.09 9.71 18.05
N ALA A 222 4.47 8.99 17.00
CA ALA A 222 4.16 9.40 15.64
C ALA A 222 2.65 9.27 15.41
N GLY A 223 2.04 8.26 16.04
CA GLY A 223 0.61 8.07 15.93
C GLY A 223 -0.12 9.30 16.45
N LEU A 224 0.32 9.81 17.60
CA LEU A 224 -0.25 11.01 18.21
C LEU A 224 -0.13 12.23 17.29
N ALA A 225 1.04 12.41 16.68
CA ALA A 225 1.24 13.58 15.81
C ALA A 225 0.30 13.51 14.58
N GLN A 226 0.21 12.32 14.02
CA GLN A 226 -0.60 12.03 12.84
C GLN A 226 -2.08 12.22 13.16
N GLU A 227 -2.47 11.86 14.38
CA GLU A 227 -3.85 12.06 14.84
C GLU A 227 -4.12 13.55 14.98
N ARG A 228 -3.19 14.25 15.60
CA ARG A 228 -3.24 15.71 15.58
C ARG A 228 -3.47 16.28 14.17
N GLN A 229 -2.72 15.82 13.17
CA GLN A 229 -2.91 16.42 11.83
C GLN A 229 -4.20 16.04 11.12
N LEU A 230 -4.72 14.84 11.37
CA LEU A 230 -6.08 14.48 10.89
C LEU A 230 -7.15 15.23 11.70
N PHE A 231 -6.89 15.44 12.99
CA PHE A 231 -7.75 16.28 13.79
C PHE A 231 -7.88 17.66 13.17
N THR A 232 -6.72 18.27 12.93
CA THR A 232 -6.66 19.65 12.51
C THR A 232 -7.34 19.81 11.16
N LEU A 233 -7.20 18.79 10.31
CA LEU A 233 -7.92 18.70 9.06
C LEU A 233 -9.42 18.94 9.26
N LEU A 234 -10.05 18.18 10.16
CA LEU A 234 -11.47 18.32 10.46
C LEU A 234 -11.83 19.72 10.95
N ALA A 235 -10.97 20.30 11.79
CA ALA A 235 -11.20 21.65 12.29
C ALA A 235 -11.56 22.56 11.13
N ALA A 236 -10.96 22.28 9.97
CA ALA A 236 -11.11 23.10 8.77
C ALA A 236 -12.36 22.79 7.93
N THR A 237 -13.12 21.77 8.33
CA THR A 237 -14.29 21.36 7.56
C THR A 237 -15.61 22.05 7.98
N GLU A 238 -16.55 22.10 7.06
CA GLU A 238 -17.84 22.72 7.26
C GLU A 238 -18.70 21.91 8.24
N ASP A 239 -18.62 20.58 8.11
CA ASP A 239 -19.44 19.69 8.91
C ASP A 239 -19.05 19.72 10.40
N ARG A 240 -17.80 20.04 10.69
CA ARG A 240 -17.40 20.21 12.09
C ARG A 240 -18.30 21.25 12.73
N HIS A 241 -18.47 22.37 12.02
CA HIS A 241 -19.41 23.41 12.42
C HIS A 241 -20.82 22.85 12.60
N GLU A 242 -21.30 22.13 11.58
CA GLU A 242 -22.65 21.58 11.59
C GLU A 242 -22.85 20.55 12.70
N GLY A 243 -21.89 19.63 12.84
CA GLY A 243 -21.94 18.60 13.85
C GLY A 243 -22.13 19.11 15.27
N ILE A 244 -21.43 20.18 15.65
CA ILE A 244 -21.51 20.69 17.02
C ILE A 244 -22.61 21.74 17.21
N SER A 245 -23.03 22.36 16.10
CA SER A 245 -24.17 23.27 16.11
C SER A 245 -25.42 22.45 16.35
N ALA A 246 -25.60 21.42 15.52
CA ALA A 246 -26.72 20.51 15.62
C ALA A 246 -26.74 19.84 16.99
N PHE A 247 -25.58 19.75 17.63
CA PHE A 247 -25.49 19.14 18.96
C PHE A 247 -25.81 20.11 20.08
N LEU A 248 -25.32 21.35 19.95
CA LEU A 248 -25.54 22.37 20.97
C LEU A 248 -26.98 22.92 20.95
N GLN A 249 -27.54 23.04 19.76
CA GLN A 249 -28.95 23.44 19.62
C GLN A 249 -29.84 22.22 19.37
N LYS A 250 -29.34 21.05 19.75
CA LYS A 250 -30.15 19.81 19.91
C LYS A 250 -31.03 19.39 18.74
N ARG A 251 -30.40 19.03 17.62
CA ARG A 251 -31.14 18.50 16.47
C ARG A 251 -30.35 17.38 15.81
N THR A 252 -30.79 16.94 14.64
CA THR A 252 -30.04 15.97 13.86
C THR A 252 -29.29 16.72 12.77
N PRO A 253 -27.95 16.57 12.74
CA PRO A 253 -27.09 17.31 11.80
C PRO A 253 -27.22 16.84 10.35
N ASP A 254 -27.14 17.78 9.42
CA ASP A 254 -27.12 17.49 7.99
C ASP A 254 -25.75 17.85 7.41
N PHE A 255 -24.94 16.84 7.10
CA PHE A 255 -23.57 17.05 6.66
C PHE A 255 -23.42 17.12 5.13
N LYS A 256 -22.62 18.06 4.65
CA LYS A 256 -22.46 18.23 3.21
C LYS A 256 -21.30 17.40 2.67
N GLY A 257 -20.47 16.88 3.57
CA GLY A 257 -19.28 16.16 3.16
C GLY A 257 -18.19 17.15 2.81
N ARG A 258 -18.24 18.29 3.49
CA ARG A 258 -17.23 19.33 3.35
C ARG A 258 -17.07 20.08 4.66
N SER B 3 -0.60 4.25 -26.33
CA SER B 3 -1.94 4.77 -26.63
C SER B 3 -2.13 6.22 -26.26
N MET B 4 -1.07 6.92 -25.86
CA MET B 4 -1.24 8.34 -25.56
C MET B 4 -0.19 9.17 -26.27
N SER B 5 -0.59 10.21 -27.00
CA SER B 5 0.40 10.92 -27.80
C SER B 5 1.43 11.42 -26.84
N GLU B 6 0.98 11.81 -25.64
CA GLU B 6 1.84 12.41 -24.63
C GLU B 6 2.82 11.43 -23.95
N LEU B 7 2.74 10.13 -24.26
CA LEU B 7 3.62 9.14 -23.64
C LEU B 7 4.01 8.06 -24.62
N ILE B 8 5.18 8.20 -25.22
CA ILE B 8 5.58 7.26 -26.25
C ILE B 8 6.09 5.97 -25.65
N VAL B 9 5.46 4.87 -26.02
CA VAL B 9 5.83 3.58 -25.52
C VAL B 9 6.74 2.92 -26.53
N SER B 10 7.89 2.46 -26.07
CA SER B 10 8.83 1.85 -26.99
C SER B 10 9.57 0.71 -26.29
N ARG B 11 10.25 -0.10 -27.08
CA ARG B 11 10.71 -1.38 -26.61
C ARG B 11 12.12 -1.66 -27.12
N GLN B 12 12.93 -2.23 -26.25
CA GLN B 12 14.20 -2.81 -26.66
C GLN B 12 14.40 -4.10 -25.90
N GLN B 13 14.11 -5.23 -26.55
CA GLN B 13 14.23 -6.51 -25.88
C GLN B 13 13.35 -6.60 -24.63
N ARG B 14 13.97 -6.85 -23.49
CA ARG B 14 13.26 -6.98 -22.24
C ARG B 14 13.28 -5.66 -21.47
N VAL B 15 13.65 -4.58 -22.15
CA VAL B 15 13.58 -3.25 -21.55
C VAL B 15 12.51 -2.42 -22.20
N LEU B 16 11.64 -1.85 -21.38
CA LEU B 16 10.56 -1.00 -21.85
C LEU B 16 10.94 0.47 -21.65
N LEU B 17 10.62 1.30 -22.63
CA LEU B 17 10.93 2.73 -22.56
C LEU B 17 9.68 3.61 -22.63
N LEU B 18 9.54 4.45 -21.63
CA LEU B 18 8.43 5.38 -21.55
C LEU B 18 8.96 6.80 -21.60
N THR B 19 8.63 7.49 -22.69
CA THR B 19 9.08 8.86 -22.90
C THR B 19 7.97 9.87 -22.65
N LEU B 20 8.13 10.70 -21.63
CA LEU B 20 7.20 11.81 -21.43
C LEU B 20 7.32 12.74 -22.62
N ASN B 21 6.17 13.13 -23.16
CA ASN B 21 6.12 13.87 -24.40
C ASN B 21 5.01 14.93 -24.43
N ARG B 22 5.15 15.95 -23.59
CA ARG B 22 4.31 17.12 -23.63
C ARG B 22 5.23 18.35 -23.71
N PRO B 23 5.93 18.50 -24.84
CA PRO B 23 6.97 19.50 -25.04
C PRO B 23 6.47 20.90 -24.69
N ALA B 24 5.30 21.25 -25.21
CA ALA B 24 4.70 22.56 -24.97
C ALA B 24 4.51 22.82 -23.49
N ALA B 25 4.15 21.77 -22.75
CA ALA B 25 3.86 21.90 -21.32
C ALA B 25 5.04 21.47 -20.45
N ARG B 26 6.23 21.47 -21.05
CA ARG B 26 7.46 21.12 -20.35
C ARG B 26 7.40 19.75 -19.68
N ASN B 27 6.59 18.85 -20.26
CA ASN B 27 6.43 17.50 -19.74
C ASN B 27 5.76 17.45 -18.38
N ALA B 28 5.01 18.51 -18.05
CA ALA B 28 4.24 18.53 -16.80
C ALA B 28 3.40 17.26 -16.67
N LEU B 29 3.36 16.71 -15.46
CA LEU B 29 2.60 15.50 -15.21
C LEU B 29 1.13 15.79 -15.13
N ASN B 30 0.43 15.46 -16.20
CA ASN B 30 -1.03 15.51 -16.20
C ASN B 30 -1.64 14.39 -15.37
N ASN B 31 -2.87 14.62 -14.93
CA ASN B 31 -3.67 13.54 -14.41
C ASN B 31 -3.75 12.40 -15.42
N ALA B 32 -4.09 12.75 -16.65
CA ALA B 32 -4.17 11.76 -17.72
C ALA B 32 -2.81 11.13 -17.95
N LEU B 33 -1.74 11.93 -17.94
CA LEU B 33 -0.38 11.40 -18.20
C LEU B 33 0.03 10.45 -17.07
N LEU B 34 -0.08 10.94 -15.85
CA LEU B 34 0.06 10.09 -14.68
C LEU B 34 -0.72 8.77 -14.79
N MET B 35 -2.01 8.84 -15.16
CA MET B 35 -2.82 7.61 -15.24
C MET B 35 -2.34 6.68 -16.36
N GLN B 36 -1.95 7.27 -17.49
CA GLN B 36 -1.35 6.51 -18.58
C GLN B 36 -0.11 5.74 -18.10
N LEU B 37 0.84 6.47 -17.50
CA LEU B 37 2.03 5.90 -16.90
C LEU B 37 1.73 4.73 -15.98
N VAL B 38 0.74 4.89 -15.11
CA VAL B 38 0.32 3.79 -14.25
C VAL B 38 -0.13 2.57 -15.06
N ASN B 39 -0.87 2.80 -16.15
CA ASN B 39 -1.40 1.65 -16.88
C ASN B 39 -0.29 0.92 -17.61
N GLU B 40 0.67 1.69 -18.14
CA GLU B 40 1.82 1.13 -18.83
C GLU B 40 2.64 0.22 -17.91
N LEU B 41 3.03 0.75 -16.74
CA LEU B 41 3.80 -0.03 -15.78
C LEU B 41 3.05 -1.22 -15.20
N GLU B 42 1.75 -1.05 -14.92
CA GLU B 42 0.96 -2.19 -14.47
C GLU B 42 0.94 -3.26 -15.57
N ALA B 43 0.64 -2.87 -16.80
CA ALA B 43 0.68 -3.83 -17.91
C ALA B 43 2.05 -4.52 -18.03
N ALA B 44 3.12 -3.74 -17.89
CA ALA B 44 4.49 -4.28 -17.87
C ALA B 44 4.79 -5.20 -16.68
N ALA B 45 4.15 -4.93 -15.55
CA ALA B 45 4.34 -5.74 -14.35
C ALA B 45 4.13 -7.23 -14.62
N THR B 46 3.21 -7.54 -15.54
CA THR B 46 2.81 -8.93 -15.77
C THR B 46 3.26 -9.45 -17.11
N ASP B 47 3.81 -8.57 -17.96
CA ASP B 47 4.38 -9.03 -19.22
C ASP B 47 5.72 -9.71 -18.98
N THR B 48 5.77 -11.03 -19.15
CA THR B 48 6.96 -11.82 -18.82
C THR B 48 8.10 -11.65 -19.83
N SER B 49 7.85 -10.85 -20.86
CA SER B 49 8.91 -10.49 -21.78
C SER B 49 9.61 -9.19 -21.35
N ILE B 50 9.06 -8.52 -20.34
CA ILE B 50 9.71 -7.33 -19.79
C ILE B 50 10.40 -7.59 -18.44
N SER B 51 11.59 -7.00 -18.29
CA SER B 51 12.42 -7.18 -17.09
C SER B 51 12.78 -5.84 -16.42
N VAL B 52 12.93 -4.79 -17.22
CA VAL B 52 13.26 -3.45 -16.72
C VAL B 52 12.46 -2.39 -17.48
N CYS B 53 12.18 -1.28 -16.80
CA CYS B 53 11.65 -0.09 -17.46
C CYS B 53 12.68 1.06 -17.35
N VAL B 54 12.61 1.98 -18.31
CA VAL B 54 13.36 3.22 -18.28
C VAL B 54 12.33 4.30 -18.49
N ILE B 55 12.43 5.40 -17.75
CA ILE B 55 11.50 6.53 -17.87
C ILE B 55 12.27 7.81 -18.21
N THR B 56 11.86 8.49 -19.27
CA THR B 56 12.59 9.68 -19.68
C THR B 56 11.72 10.75 -20.30
N GLY B 57 12.25 11.96 -20.37
CA GLY B 57 11.58 13.05 -21.05
C GLY B 57 12.33 13.40 -22.31
N ASN B 58 12.65 14.67 -22.46
CA ASN B 58 13.52 15.15 -23.55
C ASN B 58 14.74 15.84 -22.97
N ALA B 59 15.54 16.41 -23.84
CA ALA B 59 16.81 17.05 -23.46
C ALA B 59 16.60 18.32 -22.65
N ARG B 60 15.53 19.07 -22.92
CA ARG B 60 15.20 20.26 -22.12
C ARG B 60 14.40 19.99 -20.82
N PHE B 61 13.50 19.00 -20.84
CA PHE B 61 12.74 18.64 -19.64
C PHE B 61 12.56 17.12 -19.45
N PHE B 62 12.63 16.72 -18.19
CA PHE B 62 12.24 15.38 -17.79
C PHE B 62 10.75 15.52 -17.47
N ALA B 63 10.47 16.29 -16.43
CA ALA B 63 9.12 16.75 -16.15
C ALA B 63 9.25 17.98 -15.26
N ALA B 64 8.71 19.10 -15.73
CA ALA B 64 8.76 20.33 -14.98
C ALA B 64 7.46 20.53 -14.18
N GLY B 65 7.30 19.76 -13.12
CA GLY B 65 6.15 19.89 -12.25
C GLY B 65 4.92 19.11 -12.69
N ALA B 66 3.75 19.67 -12.34
CA ALA B 66 2.46 19.10 -12.72
C ALA B 66 1.55 20.19 -13.24
N ASP B 67 0.43 19.81 -13.85
CA ASP B 67 -0.55 20.80 -14.29
C ASP B 67 -1.03 21.61 -13.10
N LEU B 68 -0.73 22.90 -13.11
CA LEU B 68 -1.02 23.78 -11.98
C LEU B 68 -2.52 24.01 -11.77
N ASN B 69 -3.28 24.01 -12.86
CA ASN B 69 -4.73 24.22 -12.82
C ASN B 69 -5.40 23.06 -12.11
N GLU B 70 -5.01 21.83 -12.49
CA GLU B 70 -5.58 20.64 -11.88
C GLU B 70 -5.43 20.58 -10.35
N MET B 71 -4.38 21.21 -9.79
CA MET B 71 -4.23 21.20 -8.33
C MET B 71 -4.82 22.43 -7.66
N ALA B 72 -5.28 23.39 -8.45
CA ALA B 72 -5.94 24.58 -7.90
C ALA B 72 -7.45 24.39 -7.72
N GLU B 73 -8.12 23.92 -8.78
CA GLU B 73 -9.56 23.69 -8.75
C GLU B 73 -9.94 22.63 -7.73
N LYS B 74 -8.96 22.20 -6.94
CA LYS B 74 -9.22 21.30 -5.83
C LYS B 74 -9.18 22.08 -4.52
N ASP B 75 -10.27 21.97 -3.76
CA ASP B 75 -10.39 22.69 -2.50
C ASP B 75 -10.13 21.70 -1.36
N LEU B 76 -10.22 22.16 -0.11
CA LEU B 76 -10.00 21.25 1.01
C LEU B 76 -10.77 19.95 0.80
N ALA B 77 -12.03 20.06 0.39
CA ALA B 77 -12.86 18.89 0.16
C ALA B 77 -12.38 18.11 -1.07
N ALA B 78 -12.25 18.81 -2.19
CA ALA B 78 -11.74 18.18 -3.40
C ALA B 78 -10.33 17.58 -3.23
N THR B 79 -9.55 18.10 -2.28
CA THR B 79 -8.18 17.58 -2.06
C THR B 79 -8.16 16.30 -1.23
N LEU B 80 -9.09 16.20 -0.29
CA LEU B 80 -9.24 14.98 0.54
C LEU B 80 -9.56 13.72 -0.28
N ASN B 81 -10.38 13.88 -1.32
CA ASN B 81 -10.84 12.74 -2.10
C ASN B 81 -10.14 12.57 -3.45
N ASP B 82 -9.04 13.28 -3.66
CA ASP B 82 -8.30 13.25 -4.92
C ASP B 82 -7.83 11.85 -5.31
N THR B 83 -7.86 11.56 -6.61
CA THR B 83 -7.44 10.28 -7.15
C THR B 83 -5.92 10.10 -7.19
N ARG B 84 -5.22 11.22 -7.38
CA ARG B 84 -3.78 11.22 -7.66
C ARG B 84 -2.89 10.41 -6.71
N PRO B 85 -3.13 10.53 -5.39
CA PRO B 85 -2.28 9.81 -4.45
C PRO B 85 -2.22 8.29 -4.64
N GLN B 86 -3.32 7.69 -5.09
CA GLN B 86 -3.36 6.25 -5.28
C GLN B 86 -2.65 5.86 -6.58
N LEU B 87 -2.58 6.79 -7.53
CA LEU B 87 -1.79 6.57 -8.75
C LEU B 87 -0.30 6.53 -8.42
N TRP B 88 0.14 7.48 -7.60
CA TRP B 88 1.51 7.46 -7.07
C TRP B 88 1.85 6.15 -6.35
N ALA B 89 0.93 5.61 -5.55
CA ALA B 89 1.20 4.34 -4.84
C ALA B 89 1.17 3.18 -5.80
N ARG B 90 0.39 3.29 -6.86
CA ARG B 90 0.41 2.22 -7.87
C ARG B 90 1.70 2.26 -8.68
N LEU B 91 2.25 3.45 -8.92
CA LEU B 91 3.57 3.59 -9.59
C LEU B 91 4.66 2.89 -8.78
N GLN B 92 4.69 3.21 -7.48
CA GLN B 92 5.65 2.65 -6.56
C GLN B 92 5.52 1.14 -6.37
N ALA B 93 4.36 0.59 -6.69
CA ALA B 93 4.12 -0.83 -6.50
C ALA B 93 4.63 -1.63 -7.69
N PHE B 94 5.04 -0.92 -8.73
CA PHE B 94 5.66 -1.58 -9.87
C PHE B 94 6.79 -2.46 -9.33
N ASN B 95 6.76 -3.74 -9.69
CA ASN B 95 7.60 -4.72 -9.02
C ASN B 95 8.93 -4.99 -9.74
N LYS B 96 9.12 -4.38 -10.91
CA LYS B 96 10.36 -4.54 -11.68
C LYS B 96 11.27 -3.31 -11.61
N PRO B 97 12.57 -3.51 -11.86
CA PRO B 97 13.53 -2.40 -11.85
C PRO B 97 13.09 -1.22 -12.71
N LEU B 98 13.22 -0.03 -12.15
CA LEU B 98 12.72 1.17 -12.80
C LEU B 98 13.80 2.23 -12.76
N ILE B 99 14.27 2.60 -13.95
CA ILE B 99 15.34 3.56 -14.09
C ILE B 99 14.81 4.88 -14.68
N ALA B 100 15.16 5.98 -14.03
CA ALA B 100 14.80 7.29 -14.53
C ALA B 100 16.02 7.86 -15.24
N ALA B 101 15.91 8.14 -16.54
CA ALA B 101 16.97 8.81 -17.28
C ALA B 101 16.59 10.26 -17.39
N VAL B 102 17.25 11.09 -16.60
CA VAL B 102 16.85 12.49 -16.51
C VAL B 102 17.78 13.41 -17.30
N ASN B 103 17.20 14.12 -18.25
CA ASN B 103 17.85 15.22 -18.92
C ASN B 103 17.07 16.47 -18.56
N GLY B 104 17.81 17.55 -18.33
CA GLY B 104 17.20 18.83 -18.04
C GLY B 104 16.35 18.79 -16.79
N TYR B 105 15.32 19.63 -16.75
CA TYR B 105 14.58 19.88 -15.54
C TYR B 105 13.74 18.69 -15.04
N ALA B 106 14.00 18.32 -13.79
CA ALA B 106 13.14 17.45 -13.02
C ALA B 106 12.72 18.22 -11.77
N LEU B 107 11.64 18.98 -11.91
CA LEU B 107 11.18 19.86 -10.82
C LEU B 107 9.83 19.40 -10.28
N GLY B 108 9.59 19.63 -8.99
CA GLY B 108 8.32 19.23 -8.36
C GLY B 108 7.97 17.75 -8.59
N ALA B 109 6.84 17.50 -9.24
CA ALA B 109 6.41 16.12 -9.49
C ALA B 109 7.46 15.36 -10.31
N GLY B 110 8.17 16.12 -11.16
CA GLY B 110 9.25 15.55 -11.94
C GLY B 110 10.38 15.02 -11.06
N CYS B 111 10.80 15.81 -10.08
CA CYS B 111 11.80 15.31 -9.16
C CYS B 111 11.23 14.13 -8.39
N GLU B 112 10.00 14.29 -7.89
CA GLU B 112 9.30 13.23 -7.14
C GLU B 112 9.18 11.94 -7.92
N LEU B 113 8.85 12.06 -9.21
CA LEU B 113 8.86 10.89 -10.10
C LEU B 113 10.21 10.20 -10.07
N ALA B 114 11.27 10.95 -10.33
CA ALA B 114 12.63 10.39 -10.36
C ALA B 114 13.06 9.73 -9.04
N LEU B 115 12.83 10.42 -7.93
CA LEU B 115 13.00 9.84 -6.62
C LEU B 115 12.24 8.52 -6.49
N LEU B 116 11.07 8.44 -7.13
CA LEU B 116 10.26 7.24 -7.07
C LEU B 116 10.96 6.05 -7.73
N CYS B 117 11.85 6.34 -8.68
CA CYS B 117 12.55 5.28 -9.41
C CYS B 117 13.65 4.65 -8.58
N ASP B 118 14.11 3.46 -8.98
CA ASP B 118 15.06 2.73 -8.17
C ASP B 118 16.44 3.35 -8.35
N VAL B 119 16.68 3.83 -9.56
CA VAL B 119 17.97 4.36 -9.96
C VAL B 119 17.79 5.60 -10.81
N VAL B 120 18.63 6.60 -10.60
CA VAL B 120 18.63 7.75 -11.48
C VAL B 120 19.97 7.94 -12.17
N VAL B 121 19.95 7.94 -13.50
CA VAL B 121 21.06 8.38 -14.33
C VAL B 121 20.71 9.73 -14.94
N ALA B 122 21.61 10.71 -14.80
CA ALA B 122 21.30 12.10 -15.16
C ALA B 122 22.19 12.64 -16.29
N GLY B 123 21.73 13.71 -16.92
CA GLY B 123 22.47 14.39 -17.95
C GLY B 123 23.30 15.48 -17.26
N GLU B 124 24.41 15.90 -17.88
CA GLU B 124 25.28 16.90 -17.26
C GLU B 124 24.50 18.17 -16.91
N ASN B 125 23.51 18.50 -17.74
CA ASN B 125 22.75 19.72 -17.56
C ASN B 125 21.44 19.57 -16.78
N ALA B 126 21.20 18.38 -16.22
CA ALA B 126 19.95 18.09 -15.48
C ALA B 126 19.85 18.92 -14.20
N ARG B 127 18.62 19.24 -13.81
CA ARG B 127 18.37 19.95 -12.55
C ARG B 127 17.33 19.21 -11.70
N PHE B 128 17.48 19.30 -10.39
CA PHE B 128 16.60 18.60 -9.47
C PHE B 128 16.20 19.58 -8.40
N GLY B 129 14.89 19.73 -8.20
CA GLY B 129 14.39 20.61 -7.16
C GLY B 129 12.91 20.43 -6.86
N LEU B 130 12.50 20.96 -5.73
CA LEU B 130 11.11 20.89 -5.27
C LEU B 130 10.61 22.30 -4.95
N PRO B 131 10.20 23.07 -5.98
CA PRO B 131 9.80 24.46 -5.74
C PRO B 131 8.35 24.60 -5.28
N GLU B 132 7.79 23.54 -4.69
CA GLU B 132 6.40 23.58 -4.18
C GLU B 132 6.21 24.66 -3.11
N ILE B 133 7.18 24.76 -2.21
CA ILE B 133 7.14 25.75 -1.15
C ILE B 133 6.99 27.19 -1.68
N THR B 134 7.48 27.47 -2.89
CA THR B 134 7.37 28.83 -3.44
C THR B 134 5.93 29.16 -3.85
N LEU B 135 5.16 28.12 -4.16
CA LEU B 135 3.76 28.28 -4.55
C LEU B 135 2.86 28.40 -3.32
N GLY B 136 3.40 28.11 -2.14
CA GLY B 136 2.63 28.13 -0.91
C GLY B 136 2.08 26.77 -0.55
N ILE B 137 2.63 25.73 -1.16
CA ILE B 137 2.27 24.35 -0.86
C ILE B 137 3.49 23.58 -0.36
N MET B 138 3.50 22.27 -0.61
CA MET B 138 4.66 21.46 -0.31
C MET B 138 4.68 20.26 -1.22
N PRO B 139 5.73 19.42 -1.12
CA PRO B 139 5.73 18.20 -1.90
C PRO B 139 4.55 17.30 -1.52
N GLY B 140 3.89 16.77 -2.54
CA GLY B 140 2.68 16.02 -2.31
C GLY B 140 2.78 14.59 -2.77
N ALA B 141 3.96 14.18 -3.24
CA ALA B 141 4.10 12.84 -3.73
C ALA B 141 5.42 12.19 -3.34
N GLY B 142 5.92 12.50 -2.15
CA GLY B 142 7.11 11.83 -1.65
C GLY B 142 8.34 12.71 -1.57
N GLY B 143 8.27 13.87 -2.19
CA GLY B 143 9.37 14.81 -2.12
C GLY B 143 9.92 15.04 -0.73
N THR B 144 9.07 15.00 0.31
CA THR B 144 9.53 15.25 1.67
C THR B 144 10.11 14.01 2.36
N GLN B 145 10.00 12.86 1.71
CA GLN B 145 10.27 11.58 2.35
C GLN B 145 11.42 10.88 1.67
N ARG B 146 11.38 10.84 0.35
CA ARG B 146 12.37 10.09 -0.37
C ARG B 146 13.70 10.83 -0.50
N LEU B 147 13.64 12.15 -0.58
CA LEU B 147 14.83 12.96 -0.75
C LEU B 147 15.76 12.89 0.48
N ILE B 148 15.17 13.06 1.67
CA ILE B 148 15.96 13.09 2.89
C ILE B 148 16.60 11.71 3.12
N ARG B 149 15.91 10.66 2.70
CA ARG B 149 16.42 9.31 2.86
C ARG B 149 17.67 9.04 2.04
N SER B 150 17.91 9.84 1.01
CA SER B 150 19.07 9.59 0.15
C SER B 150 20.10 10.72 0.08
N VAL B 151 19.78 11.92 0.58
CA VAL B 151 20.75 13.03 0.59
C VAL B 151 20.98 13.71 1.94
N GLY B 152 20.36 13.19 3.01
CA GLY B 152 20.60 13.74 4.34
C GLY B 152 19.70 14.91 4.68
N LYS B 153 19.63 15.24 5.97
CA LYS B 153 18.67 16.26 6.42
C LYS B 153 18.97 17.68 5.96
N SER B 154 20.24 18.00 5.81
CA SER B 154 20.60 19.38 5.52
C SER B 154 20.19 19.74 4.10
N LEU B 155 20.66 18.97 3.14
CA LEU B 155 20.34 19.24 1.74
C LEU B 155 18.84 19.14 1.43
N ALA B 156 18.23 18.04 1.84
CA ALA B 156 16.77 17.86 1.77
C ALA B 156 15.95 19.00 2.37
N SER B 157 16.27 19.43 3.58
CA SER B 157 15.46 20.48 4.20
C SER B 157 15.63 21.80 3.44
N LYS B 158 16.87 22.05 3.03
CA LYS B 158 17.20 23.22 2.24
C LYS B 158 16.30 23.29 1.02
N MET B 159 16.41 22.28 0.14
CA MET B 159 15.68 22.29 -1.11
C MET B 159 14.19 22.38 -0.87
N VAL B 160 13.70 21.65 0.14
CA VAL B 160 12.26 21.59 0.40
C VAL B 160 11.75 22.90 1.01
N LEU B 161 12.47 23.44 1.99
CA LEU B 161 12.08 24.68 2.64
C LEU B 161 12.31 25.93 1.78
N SER B 162 13.40 25.95 1.01
CA SER B 162 13.73 27.11 0.18
C SER B 162 13.22 26.99 -1.26
N GLY B 163 13.24 25.79 -1.83
CA GLY B 163 12.80 25.59 -3.20
C GLY B 163 13.87 25.66 -4.30
N GLU B 164 15.12 25.89 -3.91
CA GLU B 164 16.21 25.99 -4.88
C GLU B 164 16.59 24.66 -5.56
N SER B 165 16.99 24.73 -6.83
CA SER B 165 17.53 23.59 -7.59
C SER B 165 18.94 23.18 -7.19
N ILE B 166 19.30 21.95 -7.54
CA ILE B 166 20.68 21.49 -7.47
C ILE B 166 21.09 20.88 -8.83
N THR B 167 22.36 21.03 -9.21
CA THR B 167 22.79 20.50 -10.48
C THR B 167 22.86 18.98 -10.42
N ALA B 168 22.96 18.36 -11.58
CA ALA B 168 23.23 16.93 -11.70
C ALA B 168 24.45 16.49 -10.91
N GLN B 169 25.49 17.32 -10.92
CA GLN B 169 26.74 17.00 -10.24
C GLN B 169 26.64 17.08 -8.71
N GLN B 170 25.99 18.13 -8.23
CA GLN B 170 25.63 18.19 -6.81
C GLN B 170 24.79 16.97 -6.41
N ALA B 171 23.90 16.54 -7.31
CA ALA B 171 22.97 15.47 -6.96
C ALA B 171 23.66 14.12 -6.94
N GLN B 172 24.73 13.96 -7.71
CA GLN B 172 25.49 12.71 -7.69
C GLN B 172 26.31 12.60 -6.41
N GLN B 173 26.89 13.73 -6.00
CA GLN B 173 27.72 13.80 -4.79
C GLN B 173 26.86 13.58 -3.56
N ALA B 174 25.64 14.09 -3.63
CA ALA B 174 24.70 13.98 -2.53
C ALA B 174 24.04 12.61 -2.55
N GLY B 175 24.19 11.87 -3.66
CA GLY B 175 23.61 10.55 -3.75
C GLY B 175 22.15 10.48 -4.19
N LEU B 176 21.65 11.58 -4.75
CA LEU B 176 20.30 11.61 -5.35
C LEU B 176 20.35 10.88 -6.71
N VAL B 177 21.52 10.94 -7.34
CA VAL B 177 21.75 10.37 -8.67
C VAL B 177 22.99 9.49 -8.58
N SER B 178 23.10 8.49 -9.44
CA SER B 178 24.26 7.62 -9.35
C SER B 178 25.05 7.55 -10.65
N ASP B 179 24.79 8.48 -11.56
CA ASP B 179 25.47 8.57 -12.85
C ASP B 179 25.16 9.91 -13.45
N VAL B 180 26.21 10.57 -13.96
CA VAL B 180 26.09 11.81 -14.71
C VAL B 180 26.79 11.66 -16.07
N PHE B 181 26.05 11.84 -17.16
CA PHE B 181 26.61 11.69 -18.49
C PHE B 181 26.37 12.94 -19.31
N PRO B 182 27.12 13.09 -20.42
CA PRO B 182 26.77 14.07 -21.46
C PRO B 182 25.32 13.90 -21.90
N SER B 183 24.60 15.00 -21.86
CA SER B 183 23.21 15.09 -22.28
C SER B 183 22.80 14.24 -23.49
N ASP B 184 23.66 14.18 -24.49
CA ASP B 184 23.32 13.46 -25.72
C ASP B 184 23.50 11.97 -25.54
N LEU B 185 24.05 11.58 -24.38
CA LEU B 185 24.29 10.16 -24.07
C LEU B 185 23.49 9.56 -22.90
N THR B 186 22.83 10.44 -22.16
CA THR B 186 22.13 10.07 -20.95
C THR B 186 21.18 8.91 -21.17
N LEU B 187 20.21 9.10 -22.07
CA LEU B 187 19.18 8.12 -22.38
C LEU B 187 19.83 6.84 -22.88
N GLU B 188 20.74 6.99 -23.84
CA GLU B 188 21.43 5.85 -24.41
C GLU B 188 22.13 4.98 -23.34
N TYR B 189 22.76 5.64 -22.38
CA TYR B 189 23.53 4.94 -21.35
C TYR B 189 22.58 4.32 -20.31
N ALA B 190 21.46 5.00 -20.08
CA ALA B 190 20.43 4.51 -19.18
C ALA B 190 19.84 3.22 -19.72
N LEU B 191 19.64 3.17 -21.04
CA LEU B 191 19.22 1.94 -21.75
C LEU B 191 20.24 0.83 -21.69
N GLN B 192 21.54 1.17 -21.65
CA GLN B 192 22.57 0.12 -21.54
C GLN B 192 22.58 -0.48 -20.14
N LEU B 193 22.32 0.38 -19.15
CA LEU B 193 22.17 -0.02 -17.76
C LEU B 193 20.99 -0.97 -17.54
N ALA B 194 19.86 -0.70 -18.20
CA ALA B 194 18.69 -1.55 -18.06
C ALA B 194 18.93 -2.86 -18.79
N SER B 195 19.69 -2.80 -19.88
CA SER B 195 19.97 -3.99 -20.68
C SER B 195 20.84 -4.94 -19.90
N LYS B 196 21.79 -4.38 -19.16
CA LYS B 196 22.62 -5.15 -18.26
C LYS B 196 21.79 -5.76 -17.12
N MET B 197 20.87 -4.98 -16.56
CA MET B 197 20.01 -5.55 -15.52
C MET B 197 19.13 -6.66 -16.11
N ALA B 198 18.40 -6.34 -17.19
CA ALA B 198 17.53 -7.27 -17.92
C ALA B 198 18.22 -8.58 -18.34
N ARG B 199 19.51 -8.67 -18.12
CA ARG B 199 20.25 -9.83 -18.54
C ARG B 199 20.21 -10.89 -17.45
N HIS B 200 19.85 -10.44 -16.25
CA HIS B 200 19.77 -11.31 -15.08
C HIS B 200 18.35 -11.89 -14.89
N SER B 201 18.25 -12.87 -14.00
CA SER B 201 17.00 -13.60 -13.73
C SER B 201 15.83 -12.69 -13.32
N PRO B 202 14.75 -12.72 -14.10
CA PRO B 202 13.59 -11.83 -13.87
C PRO B 202 13.14 -11.88 -12.41
N LEU B 203 13.08 -13.10 -11.86
CA LEU B 203 12.60 -13.33 -10.49
C LEU B 203 13.61 -12.79 -9.47
N ALA B 204 14.89 -13.00 -9.74
CA ALA B 204 15.96 -12.46 -8.91
C ALA B 204 15.87 -10.93 -8.89
N LEU B 205 15.66 -10.32 -10.06
CA LEU B 205 15.48 -8.88 -10.09
C LEU B 205 14.30 -8.49 -9.19
N GLN B 206 13.19 -9.23 -9.31
CA GLN B 206 12.01 -8.94 -8.51
C GLN B 206 12.27 -9.16 -7.03
N ALA B 207 12.90 -10.29 -6.69
CA ALA B 207 13.29 -10.58 -5.31
C ALA B 207 14.19 -9.48 -4.71
N ALA B 208 15.26 -9.14 -5.40
CA ALA B 208 16.24 -8.20 -4.88
C ALA B 208 15.62 -6.83 -4.72
N LYS B 209 14.80 -6.43 -5.68
CA LYS B 209 14.13 -5.14 -5.61
C LYS B 209 13.24 -5.06 -4.37
N GLN B 210 12.48 -6.12 -4.15
CA GLN B 210 11.53 -6.17 -3.03
C GLN B 210 12.26 -6.00 -1.70
N ALA B 211 13.39 -6.70 -1.55
CA ALA B 211 14.30 -6.48 -0.42
C ALA B 211 14.73 -5.03 -0.29
N LEU B 212 15.01 -4.36 -1.41
CA LEU B 212 15.41 -2.95 -1.34
C LEU B 212 14.27 -2.03 -0.91
N ARG B 213 13.06 -2.26 -1.44
CA ARG B 213 11.88 -1.49 -1.03
C ARG B 213 11.59 -1.64 0.47
N GLN B 214 11.76 -2.85 0.99
CA GLN B 214 11.43 -3.10 2.38
C GLN B 214 12.44 -2.51 3.34
N SER B 215 13.66 -2.28 2.86
CA SER B 215 14.69 -1.65 3.70
C SER B 215 14.21 -0.28 4.19
N GLN B 216 13.31 0.34 3.43
CA GLN B 216 12.79 1.66 3.79
C GLN B 216 11.53 1.55 4.61
N GLU B 217 11.18 0.33 5.01
CA GLU B 217 9.89 0.07 5.66
C GLU B 217 10.01 -0.60 7.00
N VAL B 218 11.21 -1.04 7.36
CA VAL B 218 11.36 -1.85 8.58
C VAL B 218 12.73 -1.58 9.13
N ALA B 219 12.91 -1.77 10.45
CA ALA B 219 14.24 -1.61 11.07
C ALA B 219 15.23 -2.68 10.55
N LEU B 220 16.53 -2.44 10.78
CA LEU B 220 17.60 -3.24 10.19
C LEU B 220 17.49 -4.76 10.40
N GLN B 221 17.28 -5.18 11.65
CA GLN B 221 17.12 -6.60 12.00
C GLN B 221 16.02 -7.27 11.23
N ALA B 222 14.84 -6.65 11.22
CA ALA B 222 13.73 -7.17 10.42
C ALA B 222 14.03 -7.16 8.91
N GLY B 223 14.88 -6.23 8.45
CA GLY B 223 15.26 -6.16 7.05
C GLY B 223 16.06 -7.40 6.68
N LEU B 224 16.96 -7.80 7.58
CA LEU B 224 17.80 -8.96 7.33
C LEU B 224 16.94 -10.23 7.29
N ALA B 225 16.08 -10.39 8.28
CA ALA B 225 15.19 -11.52 8.32
C ALA B 225 14.44 -11.61 7.01
N GLN B 226 13.94 -10.47 6.56
CA GLN B 226 13.19 -10.37 5.31
C GLN B 226 14.05 -10.71 4.06
N GLU B 227 15.28 -10.20 4.03
CA GLU B 227 16.22 -10.51 2.95
C GLU B 227 16.41 -12.03 2.85
N ARG B 228 16.43 -12.70 4.00
CA ARG B 228 16.70 -14.14 4.02
C ARG B 228 15.55 -14.98 3.45
N GLN B 229 14.32 -14.58 3.71
CA GLN B 229 13.17 -15.33 3.18
C GLN B 229 13.02 -15.11 1.67
N LEU B 230 13.38 -13.92 1.20
CA LEU B 230 13.46 -13.65 -0.24
C LEU B 230 14.60 -14.43 -0.87
N PHE B 231 15.76 -14.38 -0.25
CA PHE B 231 16.92 -15.12 -0.73
C PHE B 231 16.53 -16.61 -0.88
N THR B 232 16.03 -17.19 0.20
CA THR B 232 15.63 -18.59 0.18
C THR B 232 14.65 -18.88 -0.96
N LEU B 233 13.74 -17.94 -1.18
CA LEU B 233 12.80 -18.03 -2.28
C LEU B 233 13.51 -18.37 -3.58
N LEU B 234 14.58 -17.65 -3.88
CA LEU B 234 15.31 -17.83 -5.12
C LEU B 234 15.97 -19.21 -5.11
N ALA B 235 16.37 -19.69 -3.94
CA ALA B 235 16.98 -21.01 -3.83
C ALA B 235 16.04 -22.10 -4.37
N ALA B 236 14.75 -21.80 -4.42
CA ALA B 236 13.74 -22.75 -4.88
C ALA B 236 13.43 -22.62 -6.37
N THR B 237 14.12 -21.70 -7.04
CA THR B 237 13.83 -21.43 -8.46
C THR B 237 14.79 -22.14 -9.40
N GLU B 238 14.29 -22.38 -10.60
CA GLU B 238 14.99 -23.11 -11.65
C GLU B 238 16.09 -22.23 -12.21
N ASP B 239 15.78 -20.95 -12.30
CA ASP B 239 16.71 -19.97 -12.81
C ASP B 239 17.94 -19.85 -11.92
N ARG B 240 17.82 -20.17 -10.64
CA ARG B 240 19.02 -20.09 -9.82
C ARG B 240 20.04 -21.11 -10.28
N HIS B 241 19.54 -22.21 -10.81
CA HIS B 241 20.37 -23.27 -11.32
C HIS B 241 20.99 -22.83 -12.65
N GLU B 242 20.19 -22.16 -13.47
CA GLU B 242 20.63 -21.71 -14.78
C GLU B 242 21.68 -20.61 -14.66
N GLY B 243 21.44 -19.70 -13.72
CA GLY B 243 22.31 -18.56 -13.50
C GLY B 243 23.74 -18.95 -13.19
N ILE B 244 23.91 -19.86 -12.24
CA ILE B 244 25.25 -20.26 -11.82
C ILE B 244 25.84 -21.33 -12.73
N SER B 245 24.97 -22.12 -13.36
CA SER B 245 25.42 -23.08 -14.37
C SER B 245 26.07 -22.36 -15.55
N ALA B 246 25.36 -21.39 -16.11
CA ALA B 246 25.90 -20.61 -17.24
C ALA B 246 27.10 -19.76 -16.84
N PHE B 247 27.26 -19.50 -15.54
CA PHE B 247 28.40 -18.74 -15.06
C PHE B 247 29.62 -19.64 -14.85
N LEU B 248 29.41 -20.83 -14.28
CA LEU B 248 30.50 -21.76 -14.00
C LEU B 248 31.02 -22.43 -15.28
N GLN B 249 30.13 -22.69 -16.23
CA GLN B 249 30.54 -23.21 -17.53
C GLN B 249 30.55 -22.10 -18.58
N LYS B 250 30.67 -20.86 -18.09
CA LYS B 250 31.05 -19.70 -18.90
C LYS B 250 30.22 -19.46 -20.17
N ARG B 251 28.94 -19.16 -19.99
CA ARG B 251 28.07 -18.83 -21.12
C ARG B 251 27.01 -17.80 -20.73
N THR B 252 26.12 -17.48 -21.66
CA THR B 252 25.02 -16.56 -21.42
C THR B 252 23.76 -17.32 -21.00
N PRO B 253 23.26 -17.05 -19.78
CA PRO B 253 22.16 -17.81 -19.17
C PRO B 253 20.81 -17.54 -19.84
N ASP B 254 20.03 -18.60 -20.05
CA ASP B 254 18.70 -18.45 -20.62
C ASP B 254 17.64 -18.72 -19.55
N PHE B 255 17.06 -17.66 -19.00
CA PHE B 255 16.12 -17.79 -17.89
C PHE B 255 14.68 -17.99 -18.34
N LYS B 256 13.98 -18.90 -17.68
CA LYS B 256 12.60 -19.22 -18.03
C LYS B 256 11.59 -18.44 -17.17
N GLY B 257 12.09 -17.74 -16.16
CA GLY B 257 11.24 -16.97 -15.26
C GLY B 257 10.68 -17.83 -14.15
N ARG B 258 11.55 -18.73 -13.65
CA ARG B 258 11.12 -19.75 -12.70
C ARG B 258 12.34 -20.46 -12.17
N PHE C 16 27.92 51.45 -27.69
CA PHE C 16 27.30 50.19 -27.28
C PHE C 16 28.01 48.95 -27.83
N ILE C 17 27.35 48.22 -28.72
CA ILE C 17 27.87 46.96 -29.24
C ILE C 17 27.43 46.75 -30.67
N LEU C 18 28.37 46.83 -31.60
CA LEU C 18 28.10 46.59 -33.01
C LEU C 18 28.18 45.11 -33.29
N SER C 19 27.40 44.64 -34.23
CA SER C 19 27.45 43.23 -34.56
C SER C 19 27.27 43.01 -36.04
N HIS C 20 27.89 41.95 -36.53
CA HIS C 20 27.87 41.61 -37.93
C HIS C 20 27.96 40.11 -38.14
N VAL C 21 26.97 39.54 -38.82
CA VAL C 21 27.03 38.13 -39.19
C VAL C 21 27.34 37.97 -40.68
N GLU C 22 28.40 37.26 -40.99
CA GLU C 22 28.72 36.99 -42.38
C GLU C 22 29.45 35.67 -42.52
N LYS C 23 29.05 34.89 -43.52
CA LYS C 23 29.76 33.68 -43.86
C LYS C 23 30.17 32.89 -42.64
N GLY C 24 29.19 32.54 -41.81
CA GLY C 24 29.42 31.70 -40.67
C GLY C 24 30.02 32.43 -39.48
N VAL C 25 30.34 33.70 -39.63
CA VAL C 25 31.01 34.38 -38.54
C VAL C 25 30.21 35.51 -37.97
N MET C 26 30.11 35.49 -36.65
CA MET C 26 29.57 36.59 -35.90
C MET C 26 30.74 37.37 -35.33
N THR C 27 30.81 38.65 -35.69
CA THR C 27 31.84 39.52 -35.16
C THR C 27 31.15 40.52 -34.25
N LEU C 28 31.66 40.65 -33.04
CA LEU C 28 31.09 41.57 -32.08
C LEU C 28 32.16 42.58 -31.73
N THR C 29 31.76 43.84 -31.78
CA THR C 29 32.68 44.91 -31.49
C THR C 29 32.15 45.70 -30.32
N LEU C 30 32.77 45.51 -29.17
CA LEU C 30 32.64 46.41 -28.03
C LEU C 30 32.84 47.84 -28.55
N ASN C 31 31.83 48.70 -28.38
CA ASN C 31 31.81 49.99 -29.06
C ASN C 31 31.52 51.19 -28.14
N ARG C 32 32.50 51.55 -27.31
CA ARG C 32 32.52 52.86 -26.65
C ARG C 32 33.94 53.43 -26.70
N PRO C 33 34.45 53.66 -27.91
CA PRO C 33 35.84 54.03 -28.29
C PRO C 33 36.55 55.03 -27.38
N GLU C 34 35.86 56.07 -26.93
CA GLU C 34 36.52 57.06 -26.07
C GLU C 34 36.73 56.53 -24.66
N ARG C 35 35.76 55.78 -24.15
CA ARG C 35 35.87 55.14 -22.85
C ARG C 35 36.79 53.95 -22.96
N LEU C 36 37.19 53.62 -24.19
CA LEU C 36 38.03 52.46 -24.48
C LEU C 36 37.18 51.21 -24.35
N ASN C 37 35.93 51.34 -24.76
CA ASN C 37 34.95 50.26 -24.71
C ASN C 37 34.66 49.73 -23.32
N SER C 38 34.80 50.58 -22.31
CA SER C 38 34.55 50.17 -20.95
C SER C 38 33.06 49.91 -20.79
N PHE C 39 32.72 48.85 -20.09
CA PHE C 39 31.32 48.42 -19.92
C PHE C 39 30.49 49.34 -19.01
N ASN C 40 29.31 49.72 -19.50
CA ASN C 40 28.24 50.15 -18.59
C ASN C 40 27.14 49.08 -18.57
N ASP C 41 26.08 49.31 -17.80
CA ASP C 41 25.05 48.29 -17.65
C ASP C 41 24.36 48.01 -18.97
N GLU C 42 24.15 49.08 -19.74
CA GLU C 42 23.40 48.99 -20.98
C GLU C 42 24.17 48.22 -22.05
N MET C 43 25.49 48.22 -21.92
CA MET C 43 26.36 47.52 -22.87
C MET C 43 26.30 46.01 -22.64
N HIS C 44 26.36 45.60 -21.38
CA HIS C 44 26.24 44.20 -21.02
C HIS C 44 24.97 43.56 -21.55
N ALA C 45 23.83 44.27 -21.43
CA ALA C 45 22.55 43.73 -21.90
C ALA C 45 22.54 43.48 -23.41
N GLN C 46 23.15 44.39 -24.17
CA GLN C 46 23.25 44.22 -25.61
C GLN C 46 24.20 43.07 -25.98
N LEU C 47 25.28 42.93 -25.21
CA LEU C 47 26.18 41.82 -25.43
C LEU C 47 25.43 40.52 -25.17
N ALA C 48 24.67 40.50 -24.07
CA ALA C 48 23.87 39.32 -23.69
C ALA C 48 22.84 38.93 -24.74
N GLU C 49 22.24 39.93 -25.40
CA GLU C 49 21.29 39.68 -26.48
C GLU C 49 21.99 39.11 -27.71
N CYS C 50 23.17 39.63 -28.01
CA CYS C 50 23.93 39.16 -29.16
C CYS C 50 24.40 37.74 -28.97
N LEU C 51 24.76 37.37 -27.75
CA LEU C 51 25.25 36.03 -27.50
C LEU C 51 24.13 35.02 -27.62
N LYS C 52 22.91 35.46 -27.39
CA LYS C 52 21.76 34.55 -27.49
C LYS C 52 21.70 34.06 -28.92
N GLN C 53 21.83 34.98 -29.86
CA GLN C 53 21.80 34.62 -31.26
C GLN C 53 22.92 33.63 -31.63
N VAL C 54 24.13 33.90 -31.17
CA VAL C 54 25.24 32.97 -31.42
C VAL C 54 24.95 31.57 -30.88
N GLU C 55 24.29 31.49 -29.73
CA GLU C 55 23.97 30.22 -29.08
C GLU C 55 22.91 29.43 -29.84
N ARG C 56 21.82 30.10 -30.19
CA ARG C 56 20.68 29.49 -30.86
C ARG C 56 20.83 29.30 -32.37
N ASP C 57 21.57 30.18 -33.04
CA ASP C 57 21.72 30.13 -34.49
C ASP C 57 22.93 29.28 -34.89
N ASP C 58 22.68 28.06 -35.34
CA ASP C 58 23.77 27.14 -35.64
C ASP C 58 24.38 27.29 -37.04
N THR C 59 24.07 28.40 -37.72
CA THR C 59 24.76 28.76 -38.95
C THR C 59 25.93 29.67 -38.62
N ILE C 60 25.85 30.33 -37.47
CA ILE C 60 26.98 31.10 -36.93
C ILE C 60 27.97 30.13 -36.29
N ARG C 61 29.07 29.86 -36.98
CA ARG C 61 29.96 28.79 -36.51
C ARG C 61 31.30 29.23 -35.94
N CYS C 62 31.43 30.53 -35.66
CA CYS C 62 32.56 31.10 -34.95
C CYS C 62 32.18 32.49 -34.47
N LEU C 63 32.59 32.85 -33.26
CA LEU C 63 32.35 34.21 -32.75
C LEU C 63 33.68 34.94 -32.59
N LEU C 64 33.70 36.20 -33.00
CA LEU C 64 34.90 37.02 -32.99
C LEU C 64 34.70 38.32 -32.21
N LEU C 65 35.32 38.42 -31.03
CA LEU C 65 35.26 39.63 -30.22
C LEU C 65 36.43 40.57 -30.45
N THR C 66 36.13 41.85 -30.70
CA THR C 66 37.17 42.83 -30.96
C THR C 66 36.72 44.21 -30.50
N GLY C 67 37.64 45.17 -30.46
CA GLY C 67 37.33 46.50 -29.96
C GLY C 67 37.33 47.64 -30.98
N ALA C 68 36.36 48.54 -30.86
CA ALA C 68 36.32 49.73 -31.68
C ALA C 68 37.27 50.79 -31.13
N GLY C 69 37.71 51.70 -31.99
CA GLY C 69 38.65 52.72 -31.56
C GLY C 69 40.03 52.13 -31.39
N ARG C 70 40.73 52.56 -30.36
CA ARG C 70 42.12 52.18 -30.16
C ARG C 70 42.28 51.14 -29.06
N GLY C 71 41.31 51.11 -28.16
CA GLY C 71 41.31 50.14 -27.08
C GLY C 71 40.55 48.90 -27.49
N PHE C 72 40.87 47.78 -26.85
CA PHE C 72 40.02 46.60 -26.89
C PHE C 72 38.90 46.77 -25.87
N CYS C 73 39.28 46.81 -24.59
CA CYS C 73 38.35 47.00 -23.48
C CYS C 73 39.04 47.42 -22.18
N ALA C 74 38.59 48.52 -21.58
CA ALA C 74 39.18 49.05 -20.34
C ALA C 74 38.58 48.40 -19.09
N GLY C 75 37.66 47.45 -19.31
CA GLY C 75 37.01 46.73 -18.22
C GLY C 75 35.76 47.46 -17.81
N GLN C 76 35.56 47.58 -16.50
CA GLN C 76 34.38 48.24 -15.97
C GLN C 76 34.64 49.72 -15.77
N ASP C 77 33.76 50.55 -16.32
CA ASP C 77 33.76 51.98 -16.08
C ASP C 77 33.49 52.21 -14.59
N LEU C 78 34.46 52.81 -13.90
CA LEU C 78 34.42 52.90 -12.45
C LEU C 78 33.92 54.25 -11.93
N ASN C 79 32.77 54.69 -12.43
CA ASN C 79 32.15 55.91 -11.96
C ASN C 79 30.71 55.65 -11.50
N ALA C 89 25.17 51.07 -2.45
CA ALA C 89 26.00 50.26 -1.56
C ALA C 89 27.21 49.70 -2.32
N PRO C 90 28.40 49.80 -1.71
CA PRO C 90 29.61 49.22 -2.30
C PRO C 90 29.51 47.70 -2.27
N ASP C 91 28.61 47.13 -3.07
CA ASP C 91 28.52 45.68 -3.18
C ASP C 91 28.99 45.21 -4.55
N LEU C 92 30.28 44.89 -4.63
CA LEU C 92 30.90 44.50 -5.88
C LEU C 92 30.49 43.09 -6.30
N GLY C 93 30.00 42.31 -5.33
CA GLY C 93 29.54 40.97 -5.64
C GLY C 93 28.42 41.05 -6.67
N MET C 94 27.59 42.07 -6.58
CA MET C 94 26.43 42.19 -7.46
C MET C 94 26.81 42.38 -8.92
N SER C 95 27.74 43.28 -9.18
CA SER C 95 28.22 43.51 -10.53
C SER C 95 28.75 42.21 -11.13
N VAL C 96 29.50 41.48 -10.33
CA VAL C 96 30.04 40.20 -10.70
C VAL C 96 28.94 39.17 -10.98
N GLU C 97 27.99 39.10 -10.07
CA GLU C 97 26.87 38.18 -10.15
C GLU C 97 26.01 38.45 -11.39
N ARG C 98 25.65 39.72 -11.61
CA ARG C 98 24.68 40.05 -12.64
C ARG C 98 25.26 40.09 -14.04
N PHE C 99 26.47 40.60 -14.18
CA PHE C 99 26.98 40.91 -15.49
C PHE C 99 28.06 39.94 -15.97
N TYR C 100 29.15 39.89 -15.21
CA TYR C 100 30.38 39.27 -15.68
C TYR C 100 30.37 37.75 -15.63
N ASN C 101 29.73 37.20 -14.62
CA ASN C 101 29.68 35.76 -14.50
C ASN C 101 28.78 35.10 -15.54
N PRO C 102 27.54 35.60 -15.70
CA PRO C 102 26.75 34.85 -16.69
C PRO C 102 27.46 34.87 -18.03
N LEU C 103 28.07 36.02 -18.33
CA LEU C 103 28.82 36.25 -19.55
C LEU C 103 30.00 35.29 -19.71
N VAL C 104 30.76 35.13 -18.64
CA VAL C 104 31.90 34.21 -18.66
C VAL C 104 31.43 32.76 -18.75
N ARG C 105 30.36 32.42 -18.02
CA ARG C 105 29.83 31.05 -18.10
C ARG C 105 29.29 30.71 -19.50
N ARG C 106 28.55 31.61 -20.11
CA ARG C 106 27.95 31.29 -21.40
C ARG C 106 28.94 31.24 -22.57
N LEU C 107 30.06 31.95 -22.44
CA LEU C 107 31.14 31.86 -23.42
C LEU C 107 31.94 30.56 -23.27
N ALA C 108 32.21 30.15 -22.03
CA ALA C 108 32.89 28.88 -21.78
C ALA C 108 31.99 27.74 -22.21
N LYS C 109 30.69 27.99 -22.14
CA LYS C 109 29.65 27.02 -22.41
C LYS C 109 29.35 26.87 -23.92
N LEU C 110 29.42 27.97 -24.65
CA LEU C 110 29.29 27.91 -26.11
C LEU C 110 30.12 26.80 -26.74
N PRO C 111 29.45 25.88 -27.45
CA PRO C 111 30.12 24.77 -28.16
C PRO C 111 30.60 25.22 -29.53
N LYS C 112 31.22 26.40 -29.54
CA LYS C 112 31.70 27.04 -30.75
C LYS C 112 33.01 27.77 -30.43
N PRO C 113 33.93 27.80 -31.40
CA PRO C 113 35.22 28.49 -31.21
C PRO C 113 35.03 30.00 -31.18
N VAL C 114 35.68 30.61 -30.21
CA VAL C 114 35.56 32.03 -29.94
C VAL C 114 36.93 32.69 -30.05
N ILE C 115 37.02 33.68 -30.91
CA ILE C 115 38.27 34.38 -31.15
C ILE C 115 38.19 35.77 -30.57
N CYS C 116 39.15 36.11 -29.71
CA CYS C 116 39.33 37.49 -29.27
C CYS C 116 40.49 38.11 -30.04
N ALA C 117 40.19 39.15 -30.83
CA ALA C 117 41.24 39.97 -31.47
C ALA C 117 41.46 41.25 -30.69
N VAL C 118 42.46 41.21 -29.81
CA VAL C 118 42.84 42.31 -28.93
C VAL C 118 43.61 43.40 -29.68
N ASN C 119 42.90 44.45 -30.06
CA ASN C 119 43.39 45.48 -30.96
C ASN C 119 43.96 46.67 -30.22
N GLY C 120 44.06 46.55 -28.90
CA GLY C 120 44.55 47.65 -28.10
C GLY C 120 44.64 47.29 -26.64
N VAL C 121 44.54 48.29 -25.79
CA VAL C 121 44.65 48.10 -24.35
C VAL C 121 43.46 47.29 -23.79
N ALA C 122 43.77 46.21 -23.10
CA ALA C 122 42.75 45.42 -22.41
C ALA C 122 43.03 45.48 -20.91
N ALA C 123 42.16 46.15 -20.18
CA ALA C 123 42.42 46.42 -18.77
C ALA C 123 41.27 45.98 -17.87
N GLY C 124 41.62 45.54 -16.66
CA GLY C 124 40.65 45.06 -15.71
C GLY C 124 39.84 43.93 -16.29
N ALA C 125 38.52 44.05 -16.30
CA ALA C 125 37.68 42.99 -16.84
C ALA C 125 37.93 42.77 -18.34
N GLY C 126 38.34 43.82 -19.04
CA GLY C 126 38.69 43.69 -20.44
C GLY C 126 39.83 42.71 -20.64
N ALA C 127 40.77 42.71 -19.71
CA ALA C 127 41.91 41.80 -19.80
C ALA C 127 41.53 40.34 -19.52
N THR C 128 40.83 40.12 -18.41
CA THR C 128 40.49 38.74 -18.04
C THR C 128 39.46 38.12 -18.99
N LEU C 129 38.56 38.95 -19.52
CA LEU C 129 37.67 38.56 -20.60
C LEU C 129 38.45 38.16 -21.87
N ALA C 130 39.33 39.04 -22.34
CA ALA C 130 40.09 38.81 -23.57
C ALA C 130 40.91 37.52 -23.51
N LEU C 131 41.67 37.38 -22.45
CA LEU C 131 42.48 36.18 -22.25
C LEU C 131 41.67 34.88 -22.20
N GLY C 132 40.37 35.02 -21.95
CA GLY C 132 39.49 33.87 -21.77
C GLY C 132 38.96 33.27 -23.06
N GLY C 133 39.39 33.84 -24.19
CA GLY C 133 38.95 33.34 -25.48
C GLY C 133 39.69 32.05 -25.78
N ASP C 134 39.16 31.26 -26.70
CA ASP C 134 39.74 29.96 -26.99
C ASP C 134 41.00 30.17 -27.79
N ILE C 135 40.92 31.13 -28.69
CA ILE C 135 42.06 31.56 -29.46
C ILE C 135 42.13 33.07 -29.44
N VAL C 136 43.17 33.58 -28.80
CA VAL C 136 43.42 35.03 -28.70
C VAL C 136 44.58 35.46 -29.62
N ILE C 137 44.27 36.31 -30.59
CA ILE C 137 45.26 37.01 -31.42
C ILE C 137 45.30 38.48 -31.02
N ALA C 138 46.46 38.97 -30.61
CA ALA C 138 46.62 40.36 -30.21
C ALA C 138 47.48 41.20 -31.16
N ALA C 139 47.11 42.46 -31.34
CA ALA C 139 47.96 43.41 -32.07
C ALA C 139 49.18 43.71 -31.22
N ARG C 140 50.32 43.87 -31.89
CA ARG C 140 51.62 44.07 -31.26
C ARG C 140 51.68 45.23 -30.23
N SER C 141 50.85 46.23 -30.46
CA SER C 141 50.84 47.40 -29.60
C SER C 141 49.85 47.24 -28.45
N ALA C 142 49.19 46.09 -28.37
CA ALA C 142 48.23 45.81 -27.29
C ALA C 142 48.91 45.47 -25.97
N LYS C 143 48.41 46.04 -24.89
CA LYS C 143 48.87 45.66 -23.57
C LYS C 143 47.70 45.18 -22.69
N PHE C 144 47.97 44.16 -21.87
CA PHE C 144 47.00 43.63 -20.92
C PHE C 144 47.27 44.22 -19.56
N VAL C 145 46.32 44.99 -19.04
CA VAL C 145 46.55 45.65 -17.76
C VAL C 145 45.65 45.09 -16.67
N MET C 146 46.19 44.18 -15.86
CA MET C 146 45.40 43.57 -14.78
C MET C 146 45.76 44.14 -13.39
N ALA C 147 45.42 45.41 -13.19
CA ALA C 147 45.89 46.14 -12.02
C ALA C 147 44.83 46.23 -10.95
N PHE C 148 44.05 45.15 -10.79
CA PHE C 148 43.05 45.06 -9.74
C PHE C 148 43.70 45.34 -8.38
N SER C 149 44.77 44.60 -8.08
CA SER C 149 45.47 44.71 -6.80
C SER C 149 45.84 46.14 -6.40
N LYS C 150 45.86 47.07 -7.37
CA LYS C 150 46.20 48.47 -7.10
C LYS C 150 45.02 49.18 -6.45
N LEU C 151 43.83 48.63 -6.65
CA LEU C 151 42.61 49.18 -6.07
C LEU C 151 42.22 48.39 -4.82
N GLY C 152 42.94 47.30 -4.57
CA GLY C 152 42.61 46.41 -3.47
C GLY C 152 41.51 45.46 -3.85
N LEU C 153 41.41 45.15 -5.15
CA LEU C 153 40.45 44.16 -5.62
C LEU C 153 41.13 42.87 -6.06
N ILE C 154 40.34 41.94 -6.59
CA ILE C 154 40.85 40.70 -7.14
C ILE C 154 40.54 40.69 -8.62
N PRO C 155 41.34 39.94 -9.40
CA PRO C 155 41.01 39.77 -10.82
C PRO C 155 39.68 39.04 -10.93
N ASP C 156 38.78 39.60 -11.73
CA ASP C 156 37.48 39.00 -11.93
C ASP C 156 37.35 38.48 -13.36
N CYS C 157 36.17 37.94 -13.66
CA CYS C 157 35.85 37.37 -14.98
C CYS C 157 36.55 36.02 -15.25
N GLY C 158 36.88 35.30 -14.19
CA GLY C 158 37.63 34.07 -14.34
C GLY C 158 39.13 34.31 -14.33
N GLY C 159 39.52 35.58 -14.26
CA GLY C 159 40.90 35.96 -14.12
C GLY C 159 41.70 35.02 -13.25
N THR C 160 41.26 34.80 -12.01
CA THR C 160 42.02 33.95 -11.09
C THR C 160 42.02 32.46 -11.51
N TRP C 161 41.09 32.09 -12.39
CA TRP C 161 41.01 30.72 -12.89
C TRP C 161 41.88 30.56 -14.15
N LEU C 162 41.71 31.47 -15.11
CA LEU C 162 42.51 31.47 -16.34
C LEU C 162 44.03 31.54 -16.12
N LEU C 163 44.48 32.58 -15.41
CA LEU C 163 45.91 32.91 -15.27
C LEU C 163 46.86 31.74 -14.96
N PRO C 164 46.58 30.96 -13.89
CA PRO C 164 47.43 29.81 -13.53
C PRO C 164 47.50 28.75 -14.63
N ARG C 165 46.52 28.77 -15.51
CA ARG C 165 46.41 27.72 -16.50
C ARG C 165 46.96 28.19 -17.81
N VAL C 166 46.87 29.50 -17.98
CA VAL C 166 47.28 30.10 -19.23
C VAL C 166 48.76 30.52 -19.13
N ALA C 167 49.22 30.79 -17.91
CA ALA C 167 50.55 31.33 -17.66
C ALA C 167 51.42 30.50 -16.73
N GLY C 168 50.85 29.51 -16.06
CA GLY C 168 51.60 28.83 -15.01
C GLY C 168 51.39 29.53 -13.68
N ARG C 169 51.55 28.81 -12.59
CA ARG C 169 51.21 29.37 -11.29
C ARG C 169 52.09 30.57 -10.91
N ALA C 170 53.39 30.47 -11.21
CA ALA C 170 54.36 31.45 -10.71
C ALA C 170 54.15 32.80 -11.36
N ARG C 171 53.77 32.78 -12.63
CA ARG C 171 53.55 34.02 -13.34
C ARG C 171 52.12 34.52 -13.19
N ALA C 172 51.20 33.60 -12.89
CA ALA C 172 49.83 34.01 -12.64
C ALA C 172 49.88 34.81 -11.34
N MET C 173 50.56 34.23 -10.35
CA MET C 173 50.73 34.86 -9.05
C MET C 173 51.52 36.19 -9.17
N GLY C 174 52.58 36.21 -9.97
CA GLY C 174 53.26 37.47 -10.25
C GLY C 174 52.33 38.54 -10.83
N LEU C 175 51.74 38.25 -11.98
CA LEU C 175 50.87 39.21 -12.62
C LEU C 175 49.74 39.67 -11.67
N ALA C 176 49.11 38.74 -10.96
CA ALA C 176 48.01 39.08 -10.08
C ALA C 176 48.38 39.93 -8.85
N LEU C 177 49.45 39.56 -8.14
CA LEU C 177 49.89 40.34 -6.99
C LEU C 177 50.41 41.76 -7.34
N LEU C 178 51.33 41.87 -8.31
CA LEU C 178 51.98 43.17 -8.61
C LEU C 178 51.10 44.08 -9.46
N GLY C 179 50.31 43.47 -10.35
CA GLY C 179 49.31 44.18 -11.12
C GLY C 179 49.83 45.14 -12.17
N ASN C 180 50.90 44.73 -12.88
CA ASN C 180 51.60 45.55 -13.86
C ASN C 180 51.27 45.13 -15.29
N GLN C 181 51.21 46.06 -16.22
CA GLN C 181 50.74 45.71 -17.55
C GLN C 181 51.63 44.68 -18.23
N LEU C 182 51.00 43.94 -19.12
CA LEU C 182 51.62 42.84 -19.81
C LEU C 182 51.48 43.04 -21.32
N SER C 183 52.62 43.15 -22.00
CA SER C 183 52.62 43.45 -23.42
C SER C 183 52.23 42.23 -24.28
N ALA C 184 51.59 42.47 -25.43
CA ALA C 184 51.16 41.36 -26.26
C ALA C 184 52.29 40.37 -26.46
N GLU C 185 53.50 40.87 -26.70
CA GLU C 185 54.66 40.00 -26.97
C GLU C 185 55.10 39.16 -25.76
N GLN C 186 55.09 39.77 -24.58
CA GLN C 186 55.35 39.08 -23.32
C GLN C 186 54.36 37.95 -23.06
N ALA C 187 53.06 38.29 -23.19
CA ALA C 187 52.01 37.34 -22.95
C ALA C 187 52.22 36.19 -23.92
N HIS C 188 52.57 36.52 -25.17
CA HIS C 188 52.84 35.50 -26.19
C HIS C 188 54.04 34.60 -25.81
N GLU C 189 55.12 35.21 -25.39
CA GLU C 189 56.28 34.40 -24.98
C GLU C 189 55.89 33.45 -23.86
N TRP C 190 55.14 33.94 -22.90
CA TRP C 190 54.67 33.16 -21.75
C TRP C 190 53.57 32.12 -22.06
N GLY C 191 53.15 32.06 -23.32
CA GLY C 191 52.15 31.09 -23.77
C GLY C 191 50.73 31.44 -23.37
N MET C 192 50.52 32.67 -22.91
CA MET C 192 49.22 33.16 -22.51
C MET C 192 48.27 33.45 -23.68
N ILE C 193 48.85 33.68 -24.85
CA ILE C 193 48.04 33.87 -26.06
C ILE C 193 48.59 33.08 -27.23
N TRP C 194 47.77 32.98 -28.29
CA TRP C 194 48.12 32.21 -29.46
C TRP C 194 49.00 33.00 -30.48
N GLN C 195 48.66 34.26 -30.73
CA GLN C 195 49.31 35.01 -31.78
C GLN C 195 49.39 36.51 -31.52
N VAL C 196 50.48 37.10 -32.02
CA VAL C 196 50.67 38.55 -32.03
C VAL C 196 50.90 38.90 -33.51
N VAL C 197 50.29 39.99 -33.97
CA VAL C 197 50.54 40.44 -35.33
C VAL C 197 50.83 41.96 -35.39
N ASP C 198 51.27 42.47 -36.54
CA ASP C 198 51.41 43.91 -36.72
C ASP C 198 50.04 44.56 -36.57
N ASP C 199 49.96 45.68 -35.87
CA ASP C 199 48.69 46.39 -35.71
C ASP C 199 47.78 46.33 -36.94
N GLU C 200 48.30 46.66 -38.11
CA GLU C 200 47.46 46.88 -39.29
C GLU C 200 47.01 45.58 -39.94
N THR C 201 47.60 44.46 -39.53
CA THR C 201 47.11 43.17 -40.01
C THR C 201 46.13 42.43 -39.03
N LEU C 202 45.93 42.98 -37.83
CA LEU C 202 45.14 42.28 -36.83
C LEU C 202 43.75 41.87 -37.32
N ALA C 203 42.94 42.86 -37.66
CA ALA C 203 41.56 42.64 -38.08
C ALA C 203 41.44 41.67 -39.24
N ASP C 204 42.46 41.61 -40.05
CA ASP C 204 42.41 40.82 -41.25
C ASP C 204 42.72 39.36 -40.94
N THR C 205 43.66 39.15 -40.02
CA THR C 205 44.10 37.79 -39.68
C THR C 205 43.07 37.08 -38.80
N ALA C 206 42.53 37.84 -37.85
CA ALA C 206 41.50 37.35 -36.97
C ALA C 206 40.31 36.89 -37.79
N GLN C 207 39.90 37.75 -38.72
CA GLN C 207 38.72 37.48 -39.55
C GLN C 207 39.01 36.42 -40.59
N GLN C 208 40.29 36.17 -40.81
CA GLN C 208 40.73 35.14 -41.73
C GLN C 208 40.58 33.82 -41.01
N LEU C 209 40.96 33.82 -39.73
CA LEU C 209 40.92 32.63 -38.89
C LEU C 209 39.48 32.28 -38.50
N ALA C 210 38.66 33.29 -38.27
CA ALA C 210 37.25 33.06 -37.99
C ALA C 210 36.54 32.42 -39.19
N ARG C 211 36.75 32.99 -40.39
CA ARG C 211 36.10 32.53 -41.61
C ARG C 211 36.41 31.06 -41.83
N HIS C 212 37.65 30.71 -41.56
CA HIS C 212 38.12 29.35 -41.72
C HIS C 212 37.55 28.39 -40.63
N LEU C 213 37.52 28.85 -39.38
CA LEU C 213 36.91 28.03 -38.33
C LEU C 213 35.41 27.80 -38.62
N ALA C 214 34.75 28.78 -39.25
CA ALA C 214 33.32 28.69 -39.55
C ALA C 214 32.96 27.75 -40.74
N THR C 215 33.95 26.98 -41.19
CA THR C 215 33.77 26.05 -42.31
C THR C 215 34.31 24.69 -41.86
N GLN C 216 34.80 24.67 -40.62
CA GLN C 216 35.31 23.43 -40.03
C GLN C 216 34.17 22.70 -39.31
N PRO C 217 34.41 21.44 -38.90
CA PRO C 217 33.39 20.65 -38.19
C PRO C 217 33.04 21.26 -36.83
N THR C 218 32.04 22.15 -36.77
CA THR C 218 31.84 22.92 -35.56
C THR C 218 31.47 22.03 -34.38
N PHE C 219 30.67 21.00 -34.63
CA PHE C 219 30.26 20.11 -33.56
C PHE C 219 31.47 19.43 -32.93
N GLY C 220 32.41 18.98 -33.75
CA GLY C 220 33.65 18.42 -33.22
C GLY C 220 34.51 19.44 -32.47
N LEU C 221 34.50 20.69 -32.91
CA LEU C 221 35.27 21.74 -32.24
C LEU C 221 34.64 22.10 -30.88
N GLY C 222 33.31 22.01 -30.82
CA GLY C 222 32.57 22.23 -29.61
C GLY C 222 32.89 21.18 -28.56
N LEU C 223 32.92 19.92 -28.99
CA LEU C 223 33.37 18.82 -28.12
C LEU C 223 34.79 19.08 -27.60
N ILE C 224 35.72 19.42 -28.51
CA ILE C 224 37.13 19.60 -28.16
C ILE C 224 37.29 20.64 -27.06
N LYS C 225 36.59 21.75 -27.21
CA LYS C 225 36.66 22.85 -26.26
C LYS C 225 36.02 22.42 -24.91
N GLN C 226 34.88 21.75 -24.96
CA GLN C 226 34.28 21.23 -23.73
C GLN C 226 35.22 20.23 -23.03
N ALA C 227 35.85 19.35 -23.79
CA ALA C 227 36.71 18.34 -23.21
C ALA C 227 37.88 18.99 -22.49
N ILE C 228 38.44 20.03 -23.11
CA ILE C 228 39.65 20.70 -22.62
C ILE C 228 39.40 21.55 -21.37
N ASN C 229 38.32 22.32 -21.35
CA ASN C 229 37.79 22.93 -20.11
C ASN C 229 37.58 21.91 -18.99
N SER C 230 37.03 20.77 -19.34
CA SER C 230 36.69 19.70 -18.40
C SER C 230 37.90 19.00 -17.84
N ALA C 231 38.96 18.98 -18.63
CA ALA C 231 40.18 18.24 -18.28
C ALA C 231 40.90 18.93 -17.14
N GLU C 232 40.61 20.21 -16.96
CA GLU C 232 41.24 20.99 -15.92
C GLU C 232 40.99 20.43 -14.52
N THR C 233 39.90 19.68 -14.36
CA THR C 233 39.48 19.26 -13.04
C THR C 233 39.11 17.78 -12.97
N ASN C 234 39.37 17.08 -14.07
CA ASN C 234 39.15 15.64 -14.16
C ASN C 234 40.44 14.88 -14.03
N THR C 235 40.40 13.77 -13.33
CA THR C 235 41.55 12.88 -13.34
C THR C 235 41.70 12.39 -14.77
N LEU C 236 42.76 11.66 -15.03
CA LEU C 236 42.96 11.08 -16.36
C LEU C 236 41.96 9.93 -16.58
N ASP C 237 41.65 9.22 -15.49
CA ASP C 237 40.61 8.21 -15.53
C ASP C 237 39.26 8.76 -15.99
N THR C 238 38.78 9.82 -15.35
CA THR C 238 37.49 10.38 -15.73
C THR C 238 37.53 10.93 -17.14
N GLN C 239 38.65 11.58 -17.49
CA GLN C 239 38.80 12.24 -18.79
C GLN C 239 38.82 11.24 -19.96
N LEU C 240 39.39 10.06 -19.73
CA LEU C 240 39.34 9.02 -20.75
C LEU C 240 37.90 8.59 -21.04
N ASP C 241 37.04 8.51 -20.01
CA ASP C 241 35.63 8.15 -20.24
C ASP C 241 34.97 9.24 -21.04
N LEU C 242 35.19 10.48 -20.61
CA LEU C 242 34.65 11.61 -21.33
C LEU C 242 35.10 11.61 -22.80
N GLU C 243 36.36 11.23 -23.05
CA GLU C 243 36.90 11.19 -24.40
C GLU C 243 36.19 10.12 -25.21
N ARG C 244 36.07 8.94 -24.61
CA ARG C 244 35.25 7.87 -25.16
C ARG C 244 33.88 8.39 -25.65
N ASP C 245 33.18 9.15 -24.81
CA ASP C 245 31.84 9.64 -25.17
C ASP C 245 31.82 10.69 -26.27
N TYR C 246 32.77 11.63 -26.22
CA TYR C 246 32.84 12.64 -27.25
C TYR C 246 33.25 12.04 -28.62
N GLN C 247 34.17 11.09 -28.60
CA GLN C 247 34.51 10.40 -29.83
C GLN C 247 33.26 9.73 -30.41
N ARG C 248 32.67 8.81 -29.65
CA ARG C 248 31.38 8.16 -29.95
C ARG C 248 30.37 9.10 -30.61
N LEU C 249 30.08 10.22 -29.97
CA LEU C 249 29.19 11.20 -30.54
C LEU C 249 29.71 11.74 -31.87
N ALA C 250 30.98 12.17 -31.91
CA ALA C 250 31.51 12.81 -33.10
C ALA C 250 31.50 11.85 -34.31
N GLY C 251 31.86 10.59 -34.08
CA GLY C 251 31.83 9.61 -35.14
C GLY C 251 30.45 9.43 -35.76
N ARG C 252 29.43 9.98 -35.11
CA ARG C 252 28.07 9.94 -35.65
C ARG C 252 27.70 11.21 -36.39
N SER C 253 28.56 12.22 -36.32
CA SER C 253 28.29 13.46 -37.03
C SER C 253 28.40 13.27 -38.54
N ALA C 254 27.64 14.07 -39.28
CA ALA C 254 27.75 14.10 -40.74
C ALA C 254 29.14 14.57 -41.17
N ASP C 255 29.70 15.53 -40.43
CA ASP C 255 31.04 16.03 -40.75
C ASP C 255 32.11 14.93 -40.65
N TYR C 256 31.89 13.90 -39.84
CA TYR C 256 32.90 12.84 -39.76
C TYR C 256 32.94 11.93 -41.00
N ARG C 257 31.78 11.62 -41.58
CA ARG C 257 31.74 10.83 -42.81
C ARG C 257 32.13 11.70 -43.99
N GLU C 258 31.75 12.98 -43.94
CA GLU C 258 32.12 13.90 -45.01
C GLU C 258 33.64 14.02 -45.05
N GLY C 259 34.26 14.05 -43.88
CA GLY C 259 35.70 14.19 -43.76
C GLY C 259 36.51 12.97 -44.15
N VAL C 260 35.96 11.79 -43.86
CA VAL C 260 36.60 10.51 -44.18
C VAL C 260 36.57 10.20 -45.67
N SER C 261 35.54 10.69 -46.35
CA SER C 261 35.42 10.47 -47.78
C SER C 261 36.19 11.54 -48.57
N ALA C 262 36.10 12.78 -48.10
CA ALA C 262 36.95 13.81 -48.67
C ALA C 262 38.41 13.35 -48.62
N PHE C 263 38.93 13.05 -47.43
CA PHE C 263 40.36 12.69 -47.33
C PHE C 263 40.72 11.46 -48.19
N LEU C 264 39.83 10.46 -48.20
CA LEU C 264 39.98 9.31 -49.10
C LEU C 264 39.91 9.71 -50.59
N ALA C 265 38.93 10.56 -50.93
CA ALA C 265 38.80 11.07 -52.30
C ALA C 265 39.86 12.14 -52.62
N ARG C 267 39.85 15.47 -52.12
CA ARG C 267 38.93 16.58 -52.37
C ARG C 267 38.73 17.35 -51.04
N SER C 268 38.35 18.61 -51.11
CA SER C 268 38.15 19.41 -49.91
C SER C 268 36.78 19.15 -49.35
N PRO C 269 36.69 18.79 -48.05
CA PRO C 269 35.44 18.46 -47.36
C PRO C 269 34.49 19.64 -47.28
N GLN C 270 33.20 19.35 -47.38
CA GLN C 270 32.17 20.37 -47.18
C GLN C 270 31.47 20.17 -45.83
N PHE C 271 31.97 20.83 -44.78
CA PHE C 271 31.42 20.65 -43.43
C PHE C 271 30.23 21.55 -43.10
N THR C 272 29.22 20.96 -42.47
CA THR C 272 28.01 21.70 -42.12
C THR C 272 27.99 22.07 -40.64
N GLY C 273 28.77 21.33 -39.84
CA GLY C 273 28.81 21.53 -38.40
C GLY C 273 27.88 20.60 -37.64
N LYS C 274 27.57 19.45 -38.22
CA LYS C 274 26.64 18.46 -37.65
C LYS C 274 27.21 17.06 -37.83
N PHE D 16 -32.22 -51.88 21.36
CA PHE D 16 -31.64 -50.64 20.85
C PHE D 16 -32.47 -49.38 21.19
N ILE D 17 -33.04 -48.75 20.17
CA ILE D 17 -33.84 -47.54 20.34
C ILE D 17 -35.04 -47.55 19.40
N LEU D 18 -36.24 -47.70 19.96
CA LEU D 18 -37.47 -47.64 19.17
C LEU D 18 -37.94 -46.21 19.04
N SER D 19 -38.47 -45.85 17.87
CA SER D 19 -38.88 -44.47 17.63
C SER D 19 -40.20 -44.44 16.87
N HIS D 20 -41.06 -43.48 17.20
CA HIS D 20 -42.38 -43.41 16.63
C HIS D 20 -42.76 -41.95 16.50
N VAL D 21 -43.22 -41.56 15.33
CA VAL D 21 -43.62 -40.18 15.11
C VAL D 21 -45.10 -40.15 14.84
N GLU D 22 -45.81 -39.35 15.62
CA GLU D 22 -47.22 -39.18 15.35
C GLU D 22 -47.71 -37.85 15.91
N LYS D 23 -48.43 -37.13 15.08
CA LYS D 23 -49.12 -35.91 15.51
C LYS D 23 -48.16 -34.90 16.16
N GLY D 24 -47.01 -34.67 15.54
CA GLY D 24 -46.09 -33.61 15.96
C GLY D 24 -45.13 -34.06 17.04
N VAL D 25 -45.28 -35.31 17.44
CA VAL D 25 -44.58 -35.83 18.60
C VAL D 25 -43.67 -36.96 18.22
N MET D 26 -42.40 -36.81 18.48
CA MET D 26 -41.44 -37.87 18.29
C MET D 26 -41.13 -38.53 19.63
N THR D 27 -41.47 -39.81 19.74
CA THR D 27 -41.31 -40.55 20.99
C THR D 27 -40.22 -41.56 20.84
N LEU D 28 -39.19 -41.44 21.66
CA LEU D 28 -38.07 -42.37 21.60
C LEU D 28 -38.10 -43.30 22.79
N THR D 29 -37.91 -44.59 22.53
CA THR D 29 -37.93 -45.54 23.63
C THR D 29 -36.58 -46.22 23.77
N LEU D 30 -35.89 -45.93 24.86
CA LEU D 30 -34.70 -46.69 25.21
C LEU D 30 -35.14 -48.15 25.35
N ASN D 31 -34.50 -49.03 24.58
CA ASN D 31 -34.97 -50.40 24.42
C ASN D 31 -33.93 -51.50 24.61
N ARG D 32 -33.34 -51.57 25.78
CA ARG D 32 -32.62 -52.79 26.17
C ARG D 32 -33.17 -53.32 27.50
N PRO D 33 -34.50 -53.58 27.53
CA PRO D 33 -35.34 -53.91 28.70
C PRO D 33 -34.70 -54.75 29.81
N GLU D 34 -33.96 -55.79 29.49
CA GLU D 34 -33.36 -56.63 30.53
C GLU D 34 -32.19 -55.91 31.19
N ARG D 35 -31.39 -55.23 30.38
CA ARG D 35 -30.26 -54.45 30.86
C ARG D 35 -30.75 -53.16 31.53
N LEU D 36 -32.06 -52.99 31.58
CA LEU D 36 -32.67 -51.75 32.05
C LEU D 36 -32.27 -50.59 31.12
N ASN D 37 -32.34 -50.86 29.82
CA ASN D 37 -32.02 -49.89 28.79
C ASN D 37 -30.71 -49.16 29.05
N SER D 38 -29.74 -49.89 29.60
CA SER D 38 -28.40 -49.35 29.77
C SER D 38 -27.82 -49.13 28.38
N PHE D 39 -26.91 -48.17 28.26
CA PHE D 39 -26.34 -47.83 26.96
C PHE D 39 -25.10 -48.65 26.59
N ASN D 40 -25.10 -49.14 25.35
CA ASN D 40 -23.85 -49.57 24.73
C ASN D 40 -23.55 -48.64 23.55
N ASP D 41 -22.35 -48.75 22.99
CA ASP D 41 -21.92 -47.87 21.92
C ASP D 41 -22.90 -47.81 20.76
N GLU D 42 -23.50 -48.96 20.44
CA GLU D 42 -24.39 -49.06 19.29
C GLU D 42 -25.71 -48.30 19.55
N MET D 43 -26.11 -48.26 20.81
CA MET D 43 -27.32 -47.56 21.23
C MET D 43 -27.16 -46.03 21.14
N HIS D 44 -26.01 -45.53 21.55
CA HIS D 44 -25.68 -44.10 21.41
C HIS D 44 -25.76 -43.61 19.96
N ALA D 45 -25.21 -44.38 19.02
CA ALA D 45 -25.30 -44.07 17.61
C ALA D 45 -26.73 -43.95 17.07
N GLN D 46 -27.58 -44.91 17.42
CA GLN D 46 -28.97 -44.90 16.96
C GLN D 46 -29.73 -43.70 17.53
N LEU D 47 -29.45 -43.37 18.79
CA LEU D 47 -30.03 -42.19 19.44
C LEU D 47 -29.62 -40.90 18.74
N ALA D 48 -28.33 -40.77 18.46
CA ALA D 48 -27.82 -39.64 17.71
C ALA D 48 -28.53 -39.53 16.36
N GLU D 49 -28.73 -40.66 15.68
CA GLU D 49 -29.41 -40.63 14.40
C GLU D 49 -30.85 -40.12 14.52
N CYS D 50 -31.58 -40.64 15.50
CA CYS D 50 -32.96 -40.20 15.72
C CYS D 50 -33.06 -38.72 16.06
N LEU D 51 -32.15 -38.25 16.90
CA LEU D 51 -32.08 -36.83 17.23
C LEU D 51 -31.85 -35.95 16.00
N LYS D 52 -31.06 -36.44 15.05
CA LYS D 52 -30.81 -35.67 13.85
C LYS D 52 -32.15 -35.31 13.19
N GLN D 53 -33.07 -36.27 13.19
CA GLN D 53 -34.40 -36.08 12.61
C GLN D 53 -35.21 -35.03 13.38
N VAL D 54 -35.13 -35.07 14.71
CA VAL D 54 -35.88 -34.13 15.54
C VAL D 54 -35.41 -32.70 15.25
N GLU D 55 -34.10 -32.52 15.22
CA GLU D 55 -33.48 -31.24 14.93
C GLU D 55 -33.89 -30.70 13.54
N ARG D 56 -33.75 -31.53 12.51
CA ARG D 56 -33.98 -31.10 11.13
C ARG D 56 -35.44 -31.09 10.65
N ASP D 57 -36.26 -32.00 11.17
CA ASP D 57 -37.66 -32.08 10.75
C ASP D 57 -38.51 -31.18 11.62
N ASP D 58 -39.08 -30.13 11.03
CA ASP D 58 -39.77 -29.14 11.83
C ASP D 58 -41.30 -29.31 11.94
N THR D 59 -41.79 -30.50 11.59
CA THR D 59 -43.16 -30.91 11.93
C THR D 59 -43.16 -31.66 13.26
N ILE D 60 -41.99 -32.18 13.62
CA ILE D 60 -41.75 -32.74 14.94
C ILE D 60 -41.52 -31.59 15.92
N ARG D 61 -42.56 -31.16 16.58
CA ARG D 61 -42.44 -30.02 17.49
C ARG D 61 -42.47 -30.41 18.99
N CYS D 62 -42.32 -31.71 19.29
CA CYS D 62 -42.01 -32.17 20.65
C CYS D 62 -41.30 -33.54 20.67
N LEU D 63 -40.19 -33.61 21.39
CA LEU D 63 -39.55 -34.89 21.64
C LEU D 63 -40.01 -35.48 22.99
N LEU D 64 -40.08 -36.81 23.06
CA LEU D 64 -40.47 -37.50 24.29
C LEU D 64 -39.59 -38.73 24.53
N LEU D 65 -38.82 -38.72 25.61
CA LEU D 65 -37.98 -39.86 25.99
C LEU D 65 -38.61 -40.72 27.08
N THR D 66 -38.52 -42.03 26.89
CA THR D 66 -39.07 -42.98 27.82
C THR D 66 -38.37 -44.33 27.69
N GLY D 67 -38.56 -45.21 28.66
CA GLY D 67 -37.93 -46.51 28.64
C GLY D 67 -38.89 -47.67 28.43
N ALA D 68 -38.36 -48.70 27.79
CA ALA D 68 -39.05 -49.97 27.57
C ALA D 68 -38.83 -50.88 28.77
N GLY D 69 -39.72 -51.85 28.96
CA GLY D 69 -39.63 -52.76 30.09
C GLY D 69 -39.98 -52.04 31.38
N ARG D 70 -39.33 -52.42 32.47
CA ARG D 70 -39.65 -51.88 33.78
C ARG D 70 -38.76 -50.71 34.23
N GLY D 71 -37.63 -50.53 33.55
CA GLY D 71 -36.73 -49.44 33.86
C GLY D 71 -36.71 -48.35 32.81
N PHE D 72 -36.30 -47.15 33.21
CA PHE D 72 -36.04 -46.06 32.26
C PHE D 72 -34.67 -46.27 31.64
N CYS D 73 -33.64 -46.18 32.47
CA CYS D 73 -32.25 -46.31 32.03
C CYS D 73 -31.31 -46.51 33.22
N ALA D 74 -30.67 -47.66 33.28
CA ALA D 74 -29.61 -47.90 34.27
C ALA D 74 -28.28 -47.23 33.92
N GLY D 75 -28.28 -46.43 32.84
CA GLY D 75 -27.12 -45.62 32.49
C GLY D 75 -26.11 -46.28 31.59
N GLN D 76 -24.85 -46.30 32.03
CA GLN D 76 -23.80 -46.94 31.23
C GLN D 76 -23.58 -48.37 31.67
N ASP D 77 -23.69 -49.30 30.71
CA ASP D 77 -23.38 -50.70 30.95
C ASP D 77 -21.90 -50.85 31.28
N LEU D 78 -21.60 -51.28 32.51
CA LEU D 78 -20.22 -51.28 33.00
C LEU D 78 -19.50 -52.63 32.87
N ASN D 79 -19.50 -53.18 31.66
CA ASN D 79 -18.71 -54.38 31.36
C ASN D 79 -17.86 -54.20 30.11
N ALA D 89 -7.83 -49.04 27.68
CA ALA D 89 -7.33 -48.16 28.73
C ALA D 89 -8.47 -47.56 29.56
N PRO D 90 -8.26 -47.43 30.88
CA PRO D 90 -9.27 -46.80 31.73
C PRO D 90 -9.34 -45.29 31.50
N ASP D 91 -9.89 -44.87 30.37
CA ASP D 91 -10.03 -43.45 30.06
C ASP D 91 -11.48 -43.05 29.93
N LEU D 92 -12.07 -42.70 31.08
CA LEU D 92 -13.50 -42.40 31.16
C LEU D 92 -13.85 -41.06 30.50
N GLY D 93 -12.83 -40.23 30.31
CA GLY D 93 -12.98 -39.01 29.53
C GLY D 93 -13.54 -39.27 28.15
N MET D 94 -13.02 -40.29 27.47
CA MET D 94 -13.44 -40.57 26.11
C MET D 94 -14.93 -40.89 25.96
N SER D 95 -15.43 -41.74 26.87
CA SER D 95 -16.83 -42.11 26.88
C SER D 95 -17.71 -40.85 27.00
N VAL D 96 -17.44 -40.06 28.04
CA VAL D 96 -18.01 -38.73 28.20
C VAL D 96 -17.90 -37.86 26.96
N GLU D 97 -16.73 -37.91 26.32
CA GLU D 97 -16.42 -37.02 25.21
C GLU D 97 -17.03 -37.46 23.88
N ARG D 98 -17.32 -38.75 23.78
CA ARG D 98 -17.83 -39.33 22.55
C ARG D 98 -19.35 -39.44 22.59
N PHE D 99 -19.87 -39.89 23.72
CA PHE D 99 -21.26 -40.32 23.75
C PHE D 99 -22.21 -39.38 24.44
N TYR D 100 -21.93 -39.08 25.70
CA TYR D 100 -22.87 -38.37 26.53
C TYR D 100 -22.85 -36.86 26.32
N ASN D 101 -21.67 -36.32 26.06
CA ASN D 101 -21.52 -34.88 25.93
C ASN D 101 -22.23 -34.28 24.70
N PRO D 102 -21.94 -34.79 23.49
CA PRO D 102 -22.73 -34.36 22.35
C PRO D 102 -24.24 -34.63 22.52
N LEU D 103 -24.61 -35.76 23.10
CA LEU D 103 -26.04 -36.05 23.39
C LEU D 103 -26.67 -34.98 24.29
N VAL D 104 -26.05 -34.74 25.45
CA VAL D 104 -26.48 -33.66 26.34
C VAL D 104 -26.46 -32.29 25.64
N ARG D 105 -25.34 -31.91 25.02
CA ARG D 105 -25.30 -30.58 24.38
C ARG D 105 -26.46 -30.40 23.40
N ARG D 106 -26.60 -31.30 22.44
CA ARG D 106 -27.62 -31.14 21.41
C ARG D 106 -29.05 -31.09 22.00
N LEU D 107 -29.31 -31.85 23.06
CA LEU D 107 -30.63 -31.81 23.73
C LEU D 107 -30.88 -30.44 24.34
N ALA D 108 -29.85 -29.91 24.99
CA ALA D 108 -29.90 -28.55 25.51
C ALA D 108 -30.07 -27.57 24.38
N LYS D 109 -29.45 -27.86 23.24
CA LYS D 109 -29.47 -26.98 22.07
C LYS D 109 -30.82 -26.97 21.37
N LEU D 110 -31.53 -28.09 21.42
CA LEU D 110 -32.79 -28.28 20.71
C LEU D 110 -33.85 -27.25 21.08
N PRO D 111 -34.23 -26.39 20.11
CA PRO D 111 -35.25 -25.34 20.31
C PRO D 111 -36.67 -25.93 20.29
N LYS D 112 -36.80 -27.10 20.91
CA LYS D 112 -38.07 -27.81 21.00
C LYS D 112 -38.25 -28.40 22.39
N PRO D 113 -39.49 -28.45 22.87
CA PRO D 113 -39.75 -28.99 24.22
C PRO D 113 -39.51 -30.49 24.29
N VAL D 114 -38.69 -30.92 25.25
CA VAL D 114 -38.38 -32.34 25.49
C VAL D 114 -38.96 -32.79 26.83
N ILE D 115 -39.69 -33.90 26.79
CA ILE D 115 -40.33 -34.46 27.97
C ILE D 115 -39.68 -35.80 28.29
N CYS D 116 -39.34 -36.01 29.55
CA CYS D 116 -38.79 -37.29 29.98
C CYS D 116 -39.81 -38.00 30.85
N ALA D 117 -40.37 -39.08 30.29
CA ALA D 117 -41.31 -39.97 30.99
C ALA D 117 -40.56 -41.10 31.71
N VAL D 118 -40.13 -40.88 32.96
CA VAL D 118 -39.34 -41.87 33.70
C VAL D 118 -40.22 -42.99 34.29
N ASN D 119 -40.21 -44.15 33.62
CA ASN D 119 -41.17 -45.22 33.89
C ASN D 119 -40.64 -46.28 34.86
N GLY D 120 -39.48 -46.03 35.45
CA GLY D 120 -38.88 -47.00 36.34
C GLY D 120 -37.57 -46.48 36.85
N VAL D 121 -36.66 -47.38 37.18
CA VAL D 121 -35.37 -46.99 37.74
C VAL D 121 -34.47 -46.24 36.74
N ALA D 122 -33.94 -45.10 37.21
CA ALA D 122 -33.05 -44.25 36.42
C ALA D 122 -31.75 -44.10 37.18
N ALA D 123 -30.70 -44.76 36.68
CA ALA D 123 -29.45 -44.88 37.41
C ALA D 123 -28.28 -44.32 36.61
N GLY D 124 -27.24 -43.87 37.31
CA GLY D 124 -26.07 -43.29 36.68
C GLY D 124 -26.39 -42.23 35.62
N ALA D 125 -25.90 -42.48 34.41
CA ALA D 125 -26.15 -41.59 33.28
C ALA D 125 -27.65 -41.48 32.99
N GLY D 126 -28.39 -42.55 33.33
CA GLY D 126 -29.83 -42.59 33.12
C GLY D 126 -30.59 -41.57 33.95
N ALA D 127 -30.19 -41.44 35.21
CA ALA D 127 -30.77 -40.42 36.09
C ALA D 127 -30.45 -39.00 35.66
N THR D 128 -29.17 -38.72 35.42
CA THR D 128 -28.79 -37.35 35.07
C THR D 128 -29.33 -36.96 33.69
N LEU D 129 -29.42 -37.93 32.79
CA LEU D 129 -30.07 -37.70 31.50
C LEU D 129 -31.56 -37.34 31.68
N ALA D 130 -32.28 -38.18 32.41
CA ALA D 130 -33.69 -37.95 32.71
C ALA D 130 -33.93 -36.58 33.35
N LEU D 131 -33.05 -36.21 34.28
CA LEU D 131 -33.25 -35.02 35.10
C LEU D 131 -33.04 -33.76 34.25
N GLY D 132 -32.44 -33.95 33.07
CA GLY D 132 -32.06 -32.84 32.20
C GLY D 132 -33.10 -32.51 31.16
N GLY D 133 -34.21 -33.24 31.19
CA GLY D 133 -35.34 -32.93 30.33
C GLY D 133 -36.04 -31.66 30.79
N ASP D 134 -36.62 -30.92 29.84
CA ASP D 134 -37.31 -29.66 30.12
C ASP D 134 -38.48 -29.87 31.04
N ILE D 135 -39.17 -30.98 30.84
CA ILE D 135 -40.31 -31.34 31.65
C ILE D 135 -40.26 -32.83 31.96
N VAL D 136 -40.19 -33.16 33.23
CA VAL D 136 -40.04 -34.55 33.64
C VAL D 136 -41.26 -35.05 34.43
N ILE D 137 -41.87 -36.10 33.91
CA ILE D 137 -43.00 -36.77 34.50
C ILE D 137 -42.55 -38.19 34.81
N ALA D 138 -42.61 -38.53 36.10
CA ALA D 138 -42.11 -39.80 36.60
C ALA D 138 -43.20 -40.70 37.17
N ALA D 139 -43.12 -41.99 36.88
CA ALA D 139 -44.00 -42.93 37.52
C ALA D 139 -43.71 -42.95 39.02
N ARG D 140 -44.75 -43.23 39.80
CA ARG D 140 -44.69 -43.23 41.25
C ARG D 140 -43.63 -44.20 41.82
N SER D 141 -43.41 -45.31 41.13
CA SER D 141 -42.49 -46.31 41.64
C SER D 141 -41.08 -46.13 41.08
N ALA D 142 -40.89 -45.08 40.29
CA ALA D 142 -39.58 -44.77 39.71
C ALA D 142 -38.63 -44.23 40.76
N LYS D 143 -37.36 -44.60 40.68
CA LYS D 143 -36.36 -44.02 41.56
C LYS D 143 -35.14 -43.54 40.78
N PHE D 144 -34.51 -42.49 41.28
CA PHE D 144 -33.33 -41.93 40.67
C PHE D 144 -32.10 -42.32 41.48
N VAL D 145 -31.28 -43.20 40.92
CA VAL D 145 -30.10 -43.69 41.60
C VAL D 145 -28.85 -43.04 41.02
N MET D 146 -28.34 -42.01 41.69
CA MET D 146 -27.06 -41.45 41.29
C MET D 146 -25.97 -41.91 42.26
N ALA D 147 -25.49 -43.13 42.05
CA ALA D 147 -24.47 -43.70 42.94
C ALA D 147 -23.05 -43.56 42.42
N PHE D 148 -22.79 -42.55 41.59
CA PHE D 148 -21.45 -42.34 41.07
C PHE D 148 -20.41 -42.45 42.17
N SER D 149 -20.56 -41.65 43.24
CA SER D 149 -19.56 -41.63 44.31
C SER D 149 -19.18 -43.03 44.84
N LYS D 150 -20.14 -43.96 44.88
CA LYS D 150 -19.88 -45.32 45.35
C LYS D 150 -18.78 -46.00 44.50
N LEU D 151 -18.71 -45.60 43.24
CA LEU D 151 -17.68 -46.11 42.34
C LEU D 151 -16.44 -45.23 42.29
N GLY D 152 -16.35 -44.25 43.18
CA GLY D 152 -15.28 -43.29 43.17
C GLY D 152 -15.32 -42.39 41.94
N LEU D 153 -16.53 -42.16 41.40
CA LEU D 153 -16.71 -41.39 40.18
C LEU D 153 -17.50 -40.11 40.45
N ILE D 154 -17.71 -39.31 39.41
CA ILE D 154 -18.54 -38.10 39.48
C ILE D 154 -19.77 -38.25 38.60
N PRO D 155 -20.86 -37.55 38.99
CA PRO D 155 -22.10 -37.50 38.20
C PRO D 155 -21.81 -36.81 36.87
N ASP D 156 -22.12 -37.50 35.78
CA ASP D 156 -21.82 -36.99 34.47
C ASP D 156 -23.06 -36.50 33.74
N CYS D 157 -22.98 -36.42 32.42
CA CYS D 157 -24.08 -35.98 31.58
C CYS D 157 -24.74 -34.68 32.05
N GLY D 158 -23.94 -33.74 32.55
CA GLY D 158 -24.49 -32.52 33.10
C GLY D 158 -24.98 -32.68 34.53
N GLY D 159 -24.73 -33.85 35.11
CA GLY D 159 -25.12 -34.12 36.49
C GLY D 159 -24.77 -32.95 37.40
N THR D 160 -23.49 -32.57 37.40
CA THR D 160 -22.98 -31.55 38.34
C THR D 160 -23.38 -30.13 37.98
N TRP D 161 -23.85 -29.97 36.75
CA TRP D 161 -24.47 -28.73 36.35
C TRP D 161 -25.94 -28.64 36.84
N LEU D 162 -26.69 -29.72 36.60
CA LEU D 162 -28.12 -29.78 36.85
C LEU D 162 -28.51 -29.76 38.31
N LEU D 163 -27.85 -30.56 39.15
CA LEU D 163 -28.35 -30.85 40.49
C LEU D 163 -28.53 -29.60 41.33
N PRO D 164 -27.56 -28.66 41.25
CA PRO D 164 -27.63 -27.44 42.07
C PRO D 164 -28.78 -26.54 41.65
N ARG D 165 -29.15 -26.59 40.38
CA ARG D 165 -30.22 -25.78 39.81
C ARG D 165 -31.62 -26.42 39.97
N VAL D 166 -31.65 -27.73 39.94
CA VAL D 166 -32.91 -28.46 39.99
C VAL D 166 -33.33 -28.73 41.45
N ALA D 167 -32.35 -28.91 42.33
CA ALA D 167 -32.59 -29.24 43.74
C ALA D 167 -32.08 -28.17 44.71
N GLY D 168 -31.33 -27.21 44.20
CA GLY D 168 -30.66 -26.23 45.05
C GLY D 168 -29.37 -26.84 45.57
N ARG D 169 -28.54 -26.01 46.19
CA ARG D 169 -27.15 -26.41 46.51
C ARG D 169 -26.96 -27.47 47.61
N ALA D 170 -27.64 -27.32 48.74
CA ALA D 170 -27.40 -28.23 49.86
C ALA D 170 -27.84 -29.64 49.49
N ARG D 171 -28.84 -29.73 48.63
CA ARG D 171 -29.40 -31.03 48.28
C ARG D 171 -28.61 -31.70 47.17
N ALA D 172 -28.20 -30.93 46.17
CA ALA D 172 -27.29 -31.43 45.11
C ALA D 172 -26.03 -32.03 45.71
N MET D 173 -25.50 -31.34 46.73
CA MET D 173 -24.27 -31.80 47.36
C MET D 173 -24.55 -33.12 48.11
N GLY D 174 -25.55 -33.10 49.01
CA GLY D 174 -26.08 -34.30 49.65
C GLY D 174 -26.35 -35.48 48.72
N LEU D 175 -27.06 -35.25 47.61
CA LEU D 175 -27.35 -36.32 46.65
C LEU D 175 -26.10 -36.87 45.99
N ALA D 176 -25.18 -35.99 45.65
CA ALA D 176 -24.03 -36.39 44.84
C ALA D 176 -22.93 -37.02 45.69
N LEU D 177 -22.77 -36.53 46.91
CA LEU D 177 -21.76 -37.04 47.84
C LEU D 177 -22.14 -38.40 48.46
N LEU D 178 -23.35 -38.51 48.99
CA LEU D 178 -23.76 -39.77 49.64
C LEU D 178 -24.26 -40.80 48.64
N GLY D 179 -24.84 -40.30 47.57
CA GLY D 179 -25.07 -41.14 46.41
C GLY D 179 -26.13 -42.21 46.49
N ASN D 180 -27.27 -41.93 47.13
CA ASN D 180 -28.29 -42.98 47.28
CA ASN D 180 -28.29 -42.96 47.36
C ASN D 180 -29.65 -42.62 46.73
N GLN D 181 -30.58 -43.57 46.73
CA GLN D 181 -31.81 -43.44 45.95
C GLN D 181 -32.62 -42.23 46.30
N LEU D 182 -33.35 -41.78 45.30
CA LEU D 182 -34.26 -40.67 45.41
C LEU D 182 -35.51 -41.18 44.72
N SER D 183 -36.62 -41.22 45.44
CA SER D 183 -37.85 -41.72 44.82
C SER D 183 -38.51 -40.63 43.98
N ALA D 184 -39.36 -41.03 43.04
CA ALA D 184 -40.11 -40.07 42.27
C ALA D 184 -40.72 -38.99 43.17
N GLU D 185 -41.37 -39.40 44.25
CA GLU D 185 -42.08 -38.45 45.09
C GLU D 185 -41.14 -37.46 45.80
N GLN D 186 -40.03 -37.96 46.33
CA GLN D 186 -39.02 -37.14 46.95
C GLN D 186 -38.53 -36.10 45.93
N ALA D 187 -38.12 -36.58 44.76
CA ALA D 187 -37.65 -35.72 43.71
C ALA D 187 -38.69 -34.61 43.49
N HIS D 188 -39.96 -35.00 43.41
CA HIS D 188 -41.03 -34.03 43.18
C HIS D 188 -41.06 -32.96 44.28
N GLU D 189 -41.21 -33.41 45.52
CA GLU D 189 -41.30 -32.55 46.69
C GLU D 189 -40.13 -31.58 46.68
N TRP D 190 -39.00 -32.06 46.16
CA TRP D 190 -37.76 -31.31 46.13
C TRP D 190 -37.64 -30.33 44.94
N GLY D 191 -38.55 -30.43 43.98
CA GLY D 191 -38.57 -29.48 42.90
C GLY D 191 -37.75 -29.88 41.68
N MET D 192 -37.24 -31.12 41.71
CA MET D 192 -36.34 -31.65 40.71
C MET D 192 -37.07 -32.10 39.45
N ILE D 193 -38.35 -32.43 39.59
CA ILE D 193 -39.16 -32.84 38.45
C ILE D 193 -40.54 -32.20 38.49
N TRP D 194 -41.25 -32.30 37.37
CA TRP D 194 -42.48 -31.56 37.22
C TRP D 194 -43.71 -32.29 37.78
N GLN D 195 -43.76 -33.61 37.58
CA GLN D 195 -44.95 -34.37 37.93
C GLN D 195 -44.66 -35.84 38.30
N VAL D 196 -45.47 -36.37 39.22
CA VAL D 196 -45.50 -37.79 39.53
C VAL D 196 -46.93 -38.36 39.38
N VAL D 197 -47.08 -39.44 38.62
CA VAL D 197 -48.37 -40.07 38.36
C VAL D 197 -48.29 -41.57 38.61
N ASP D 198 -49.44 -42.20 38.88
CA ASP D 198 -49.54 -43.66 39.02
C ASP D 198 -48.91 -44.32 37.79
N ASP D 199 -48.05 -45.31 38.02
CA ASP D 199 -47.35 -46.01 36.95
C ASP D 199 -48.17 -46.23 35.67
N GLU D 200 -49.43 -46.63 35.85
CA GLU D 200 -50.24 -47.11 34.74
C GLU D 200 -50.78 -45.98 33.89
N THR D 201 -50.70 -44.74 34.39
CA THR D 201 -51.14 -43.56 33.64
C THR D 201 -49.96 -42.76 33.03
N LEU D 202 -48.74 -43.10 33.43
CA LEU D 202 -47.56 -42.39 32.96
C LEU D 202 -47.54 -42.26 31.44
N ALA D 203 -47.45 -43.39 30.75
CA ALA D 203 -47.41 -43.42 29.29
C ALA D 203 -48.49 -42.52 28.70
N ASP D 204 -49.64 -42.51 29.35
CA ASP D 204 -50.79 -41.76 28.85
C ASP D 204 -50.62 -40.26 29.05
N THR D 205 -50.30 -39.84 30.27
CA THR D 205 -50.19 -38.41 30.59
C THR D 205 -49.03 -37.73 29.87
N ALA D 206 -47.88 -38.39 29.85
CA ALA D 206 -46.73 -37.89 29.12
C ALA D 206 -47.14 -37.65 27.68
N GLN D 207 -47.62 -38.70 27.02
CA GLN D 207 -48.06 -38.60 25.63
C GLN D 207 -49.17 -37.58 25.45
N GLN D 208 -49.93 -37.32 26.50
CA GLN D 208 -50.94 -36.28 26.48
C GLN D 208 -50.29 -34.91 26.35
N LEU D 209 -49.29 -34.66 27.19
CA LEU D 209 -48.62 -33.39 27.23
C LEU D 209 -47.83 -33.13 25.94
N ALA D 210 -47.15 -34.16 25.45
CA ALA D 210 -46.36 -34.03 24.22
C ALA D 210 -47.21 -33.65 23.01
N ARG D 211 -48.39 -34.27 22.90
CA ARG D 211 -49.34 -33.97 21.84
C ARG D 211 -49.79 -32.53 21.96
N HIS D 212 -50.00 -32.10 23.20
CA HIS D 212 -50.39 -30.73 23.49
C HIS D 212 -49.31 -29.75 23.06
N LEU D 213 -48.08 -29.98 23.52
CA LEU D 213 -46.96 -29.09 23.23
C LEU D 213 -46.65 -29.04 21.74
N ALA D 214 -46.90 -30.16 21.05
CA ALA D 214 -46.66 -30.30 19.61
C ALA D 214 -47.63 -29.45 18.75
N THR D 215 -48.51 -28.71 19.41
CA THR D 215 -49.47 -27.86 18.72
C THR D 215 -49.31 -26.44 19.25
N GLN D 216 -48.34 -26.26 20.14
CA GLN D 216 -48.12 -24.95 20.72
C GLN D 216 -47.04 -24.18 19.93
N PRO D 217 -46.94 -22.86 20.13
CA PRO D 217 -45.98 -22.10 19.32
C PRO D 217 -44.55 -22.59 19.54
N THR D 218 -44.11 -23.58 18.77
CA THR D 218 -42.81 -24.23 18.97
C THR D 218 -41.62 -23.25 18.96
N PHE D 219 -41.70 -22.25 18.09
CA PHE D 219 -40.64 -21.26 18.00
C PHE D 219 -40.56 -20.50 19.31
N GLY D 220 -41.71 -20.00 19.76
CA GLY D 220 -41.77 -19.30 21.03
C GLY D 220 -41.20 -20.18 22.12
N LEU D 221 -41.67 -21.43 22.19
CA LEU D 221 -41.21 -22.40 23.18
C LEU D 221 -39.69 -22.62 23.15
N GLY D 222 -39.11 -22.66 21.95
CA GLY D 222 -37.67 -22.80 21.75
C GLY D 222 -36.84 -21.63 22.28
N LEU D 223 -37.38 -20.42 22.18
CA LEU D 223 -36.74 -19.23 22.74
C LEU D 223 -36.85 -19.20 24.25
N ILE D 224 -38.00 -19.64 24.75
CA ILE D 224 -38.22 -19.70 26.19
C ILE D 224 -37.16 -20.60 26.81
N LYS D 225 -36.98 -21.78 26.22
CA LYS D 225 -36.06 -22.79 26.72
C LYS D 225 -34.61 -22.30 26.69
N GLN D 226 -34.24 -21.65 25.58
CA GLN D 226 -32.93 -21.03 25.41
C GLN D 226 -32.72 -19.91 26.40
N ALA D 227 -33.72 -19.04 26.54
CA ALA D 227 -33.57 -17.91 27.46
C ALA D 227 -33.28 -18.42 28.89
N ILE D 228 -34.12 -19.35 29.35
CA ILE D 228 -34.01 -19.93 30.69
C ILE D 228 -32.70 -20.66 30.89
N ASN D 229 -32.28 -21.47 29.92
CA ASN D 229 -30.93 -22.03 29.91
C ASN D 229 -29.85 -20.92 30.09
N SER D 230 -29.95 -19.86 29.31
CA SER D 230 -28.92 -18.83 29.29
C SER D 230 -28.87 -18.01 30.58
N ALA D 231 -30.01 -17.95 31.27
CA ALA D 231 -30.13 -17.02 32.37
C ALA D 231 -29.30 -17.51 33.54
N GLU D 232 -28.97 -18.81 33.52
CA GLU D 232 -28.21 -19.43 34.59
C GLU D 232 -26.85 -18.76 34.75
N THR D 233 -26.30 -18.26 33.64
CA THR D 233 -24.98 -17.62 33.72
C THR D 233 -24.98 -16.14 33.31
N ASN D 234 -26.14 -15.58 33.02
CA ASN D 234 -26.23 -14.15 32.69
C ASN D 234 -26.59 -13.29 33.87
N THR D 235 -26.12 -12.07 33.87
CA THR D 235 -26.64 -11.10 34.82
C THR D 235 -28.06 -10.70 34.41
N LEU D 236 -28.76 -10.05 35.32
CA LEU D 236 -30.03 -9.47 34.97
C LEU D 236 -29.90 -8.51 33.77
N ASP D 237 -28.83 -7.73 33.74
CA ASP D 237 -28.63 -6.71 32.71
C ASP D 237 -28.47 -7.37 31.35
N THR D 238 -27.55 -8.31 31.26
CA THR D 238 -27.41 -9.10 30.05
C THR D 238 -28.74 -9.78 29.70
N GLN D 239 -29.43 -10.33 30.69
CA GLN D 239 -30.63 -11.10 30.40
C GLN D 239 -31.80 -10.25 29.90
N LEU D 240 -31.82 -8.96 30.23
CA LEU D 240 -32.90 -8.11 29.75
C LEU D 240 -32.71 -7.79 28.26
N ASP D 241 -31.45 -7.64 27.85
CA ASP D 241 -31.11 -7.48 26.44
C ASP D 241 -31.50 -8.73 25.68
N LEU D 242 -31.30 -9.90 26.28
CA LEU D 242 -31.60 -11.13 25.55
C LEU D 242 -33.10 -11.33 25.43
N GLU D 243 -33.87 -10.83 26.41
CA GLU D 243 -35.34 -10.95 26.40
C GLU D 243 -35.95 -10.00 25.36
N ARG D 244 -35.48 -8.75 25.39
CA ARG D 244 -35.82 -7.83 24.31
C ARG D 244 -35.54 -8.52 22.98
N ASP D 245 -34.37 -9.15 22.84
CA ASP D 245 -33.97 -9.79 21.60
C ASP D 245 -34.94 -10.89 21.20
N TYR D 246 -35.32 -11.71 22.19
CA TYR D 246 -36.19 -12.85 21.90
C TYR D 246 -37.65 -12.43 21.70
N GLN D 247 -38.07 -11.40 22.41
CA GLN D 247 -39.40 -10.86 22.18
C GLN D 247 -39.50 -10.28 20.79
N ARG D 248 -38.53 -9.43 20.43
CA ARG D 248 -38.46 -8.86 19.09
C ARG D 248 -38.65 -9.94 18.03
N LEU D 249 -37.94 -11.06 18.18
CA LEU D 249 -38.06 -12.19 17.26
C LEU D 249 -39.43 -12.88 17.34
N ALA D 250 -39.86 -13.19 18.57
CA ALA D 250 -41.12 -13.91 18.77
C ALA D 250 -42.29 -13.16 18.15
N GLY D 251 -42.32 -11.85 18.37
CA GLY D 251 -43.41 -11.02 17.87
C GLY D 251 -43.50 -10.84 16.34
N ARG D 252 -42.66 -11.54 15.60
CA ARG D 252 -42.70 -11.48 14.16
C ARG D 252 -43.15 -12.84 13.65
N SER D 253 -43.22 -13.82 14.55
CA SER D 253 -43.64 -15.16 14.15
C SER D 253 -45.09 -15.16 13.66
N ALA D 254 -45.43 -16.13 12.83
CA ALA D 254 -46.84 -16.34 12.44
C ALA D 254 -47.68 -16.59 13.68
N ASP D 255 -47.19 -17.44 14.58
CA ASP D 255 -47.93 -17.82 15.80
C ASP D 255 -48.25 -16.66 16.74
N TYR D 256 -47.43 -15.61 16.75
CA TYR D 256 -47.80 -14.46 17.55
C TYR D 256 -49.08 -13.86 16.99
N ARG D 257 -49.06 -13.59 15.68
CA ARG D 257 -50.21 -13.00 15.00
C ARG D 257 -51.46 -13.85 15.18
N GLU D 258 -51.30 -15.17 15.00
CA GLU D 258 -52.39 -16.13 15.15
C GLU D 258 -52.94 -16.08 16.56
N GLY D 259 -52.05 -16.01 17.55
CA GLY D 259 -52.41 -16.06 18.97
C GLY D 259 -53.17 -14.85 19.49
N VAL D 260 -52.79 -13.68 19.01
CA VAL D 260 -53.50 -12.45 19.35
C VAL D 260 -54.83 -12.32 18.58
N SER D 261 -54.99 -13.00 17.44
CA SER D 261 -56.29 -12.93 16.75
C SER D 261 -57.28 -13.99 17.25
N ALA D 262 -56.80 -15.21 17.46
CA ALA D 262 -57.59 -16.25 18.12
C ALA D 262 -58.17 -15.77 19.46
N PHE D 263 -57.31 -15.20 20.30
CA PHE D 263 -57.76 -14.65 21.57
C PHE D 263 -58.78 -13.52 21.43
N LEU D 264 -58.46 -12.52 20.61
CA LEU D 264 -59.41 -11.45 20.32
C LEU D 264 -60.74 -12.01 19.80
N ALA D 265 -60.69 -13.11 19.05
CA ALA D 265 -61.88 -13.66 18.41
C ALA D 265 -62.53 -14.80 19.23
N LYS D 266 -62.06 -14.99 20.46
CA LYS D 266 -62.51 -16.06 21.32
C LYS D 266 -62.67 -17.41 20.61
N ARG D 267 -61.69 -17.69 19.73
CA ARG D 267 -61.56 -18.99 19.09
C ARG D 267 -60.24 -19.66 19.43
N SER D 268 -60.15 -20.94 19.12
CA SER D 268 -58.99 -21.75 19.46
C SER D 268 -57.94 -21.61 18.39
N PRO D 269 -56.69 -21.33 18.81
CA PRO D 269 -55.62 -20.91 17.92
C PRO D 269 -55.04 -22.12 17.18
N GLN D 270 -54.65 -21.94 15.93
CA GLN D 270 -53.97 -22.99 15.17
C GLN D 270 -52.51 -22.61 14.88
N PHE D 271 -51.62 -22.98 15.81
CA PHE D 271 -50.20 -22.69 15.65
C PHE D 271 -49.53 -23.63 14.64
N THR D 272 -48.56 -23.11 13.90
CA THR D 272 -47.75 -23.91 12.99
C THR D 272 -46.35 -24.10 13.55
N GLY D 273 -45.99 -23.27 14.54
CA GLY D 273 -44.66 -23.30 15.11
C GLY D 273 -43.62 -22.44 14.38
N LYS D 274 -44.09 -21.37 13.73
CA LYS D 274 -43.21 -20.38 13.10
C LYS D 274 -43.74 -18.96 13.34
C1 GOL E . -5.49 -16.71 0.22
O1 GOL E . -5.64 -16.67 -1.19
C2 GOL E . -5.72 -18.15 0.67
O2 GOL E . -5.41 -18.91 -0.50
C3 GOL E . -4.85 -18.48 1.91
O3 GOL E . -5.53 -18.50 3.16
C1 GOL F . 13.21 25.24 -21.89
O1 GOL F . 14.07 25.38 -23.03
C2 GOL F . 12.97 26.55 -21.18
O2 GOL F . 13.83 27.65 -21.44
C3 GOL F . 12.04 26.72 -20.05
O3 GOL F . 11.53 28.04 -19.91
C1 GOL G . 2.81 18.20 -6.73
O1 GOL G . 3.59 17.83 -5.61
C2 GOL G . 1.67 17.23 -6.98
O2 GOL G . 0.45 17.54 -6.39
C3 GOL G . 1.66 16.34 -8.21
O3 GOL G . 0.87 15.19 -8.06
#